data_4ZU4
#
_entry.id   4ZU4
#
_cell.length_a   85.405
_cell.length_b   64.579
_cell.length_c   112.968
_cell.angle_alpha   90.00
_cell.angle_beta   111.39
_cell.angle_gamma   90.00
#
_symmetry.space_group_name_H-M   'P 1 21 1'
#
loop_
_entity.id
_entity.type
_entity.pdbx_description
1 polymer 'WxcM-like protein'
2 non-polymer dTDP-4,6-dideoxy-4-formamido-glucose
3 non-polymer 'CHLORIDE ION'
4 non-polymer 1,2-ETHANEDIOL
5 non-polymer 'SODIUM ION'
6 non-polymer 'PHOSPHATE ION'
7 water water
#
_entity_poly.entity_id   1
_entity_poly.type   'polypeptide(L)'
_entity_poly.pdbx_seq_one_letter_code
;GHMSNNFELKLQMSKVKGVSLHKFHLVNDLRGNLSVGEFEKDIPFTPKRYFTVFGVPNKEVRGEHAHKECKQFLICVSGN
CSVLVDDGENREEYVLDSIDKGIYLPPMTWGVQYKYSKDAVLLVFASHYYDSDDYIRDYSTFKQMRQN
;
_entity_poly.pdbx_strand_id   A,B,C,D,E,F
#
# COMPACT_ATOMS: atom_id res chain seq x y z
N ASN A 5 16.29 -5.85 16.63
CA ASN A 5 15.54 -6.58 15.59
C ASN A 5 15.15 -5.63 14.44
N ASN A 6 14.28 -4.66 14.72
CA ASN A 6 13.52 -4.05 13.62
C ASN A 6 14.23 -3.00 12.76
N PHE A 7 15.29 -2.39 13.28
CA PHE A 7 16.00 -1.34 12.55
C PHE A 7 17.46 -1.73 12.28
N GLU A 8 17.68 -3.00 11.98
CA GLU A 8 19.06 -3.48 11.82
C GLU A 8 19.59 -3.16 10.43
N LEU A 9 18.74 -3.20 9.42
CA LEU A 9 19.18 -2.93 8.08
C LEU A 9 18.96 -1.48 7.78
N LYS A 10 19.56 -1.02 6.69
CA LYS A 10 19.31 0.32 6.22
C LYS A 10 17.81 0.57 5.91
N LEU A 11 17.16 -0.46 5.36
CA LEU A 11 15.75 -0.37 4.94
C LEU A 11 15.10 -1.73 5.15
N GLN A 12 13.95 -1.73 5.82
CA GLN A 12 13.15 -2.92 5.98
C GLN A 12 11.67 -2.51 6.02
N MET A 13 10.78 -3.39 5.57
CA MET A 13 9.34 -3.09 5.46
C MET A 13 8.63 -3.74 6.65
N SER A 14 7.68 -3.01 7.23
CA SER A 14 6.74 -3.54 8.23
C SER A 14 5.66 -4.40 7.59
N LYS A 15 5.08 -5.26 8.40
CA LYS A 15 3.80 -5.88 8.09
C LYS A 15 2.66 -4.86 7.91
N VAL A 16 2.76 -3.73 8.60
CA VAL A 16 1.78 -2.67 8.47
C VAL A 16 1.95 -1.98 7.10
N LYS A 17 0.86 -1.86 6.36
CA LYS A 17 0.93 -1.52 4.95
C LYS A 17 1.76 -0.24 4.68
N GLY A 18 2.80 -0.41 3.86
CA GLY A 18 3.57 0.73 3.41
C GLY A 18 4.53 1.30 4.43
N VAL A 19 4.48 0.80 5.65
CA VAL A 19 5.34 1.40 6.69
C VAL A 19 6.76 0.82 6.48
N SER A 20 7.74 1.70 6.53
CA SER A 20 9.13 1.27 6.36
C SER A 20 9.96 1.75 7.54
N LEU A 21 10.97 0.94 7.92
CA LEU A 21 11.85 1.24 9.03
C LEU A 21 13.28 1.45 8.51
N HIS A 22 13.95 2.45 9.01
CA HIS A 22 15.16 2.94 8.36
C HIS A 22 16.26 3.09 9.41
N LYS A 23 17.49 2.80 9.00
CA LYS A 23 18.70 3.00 9.79
C LYS A 23 19.57 3.93 8.93
N PHE A 24 19.78 5.12 9.45
CA PHE A 24 20.46 6.17 8.74
C PHE A 24 21.98 6.00 8.91
N HIS A 25 22.69 6.43 7.88
CA HIS A 25 24.16 6.48 7.88
C HIS A 25 24.64 7.28 9.10
N LEU A 26 25.64 6.74 9.79
CA LEU A 26 26.16 7.31 11.02
C LEU A 26 27.68 7.31 10.90
N VAL A 27 28.30 8.45 11.21
CA VAL A 27 29.77 8.56 11.29
C VAL A 27 30.13 8.90 12.74
N ASN A 28 30.85 8.02 13.43
CA ASN A 28 31.32 8.25 14.80
C ASN A 28 32.82 8.50 14.71
N ASP A 29 33.30 9.66 15.10
CA ASP A 29 34.75 9.88 15.13
C ASP A 29 35.18 10.68 16.35
N LEU A 30 36.42 11.12 16.29
CA LEU A 30 37.11 11.75 17.42
C LEU A 30 36.42 13.08 17.74
N ARG A 31 35.90 13.73 16.71
CA ARG A 31 35.37 15.09 16.81
C ARG A 31 33.86 15.16 17.16
N GLY A 32 33.17 14.03 17.10
CA GLY A 32 31.75 14.01 17.43
C GLY A 32 31.10 12.96 16.54
N ASN A 33 29.79 13.05 16.39
CA ASN A 33 29.03 12.05 15.64
C ASN A 33 28.07 12.73 14.71
N LEU A 34 27.77 12.07 13.60
CA LEU A 34 26.91 12.71 12.62
C LEU A 34 25.99 11.66 12.03
N SER A 35 24.70 11.96 11.92
CA SER A 35 23.82 11.05 11.17
C SER A 35 23.21 11.84 10.02
N VAL A 36 22.98 11.21 8.87
CA VAL A 36 22.50 11.98 7.72
C VAL A 36 21.40 11.21 6.97
N GLY A 37 20.40 11.93 6.45
CA GLY A 37 19.45 11.35 5.49
C GLY A 37 19.19 12.25 4.32
N GLU A 38 18.87 11.65 3.18
CA GLU A 38 18.56 12.35 1.96
C GLU A 38 17.09 12.17 1.62
N PHE A 39 16.42 13.27 1.35
CA PHE A 39 15.02 13.26 0.93
C PHE A 39 14.92 12.74 -0.47
N GLU A 40 13.85 11.99 -0.78
CA GLU A 40 13.62 11.27 -2.03
C GLU A 40 14.55 10.11 -2.23
N LYS A 41 15.26 9.73 -1.19
CA LYS A 41 16.15 8.61 -1.31
C LYS A 41 15.96 7.80 -0.04
N ASP A 42 16.43 8.30 1.09
CA ASP A 42 16.25 7.56 2.34
C ASP A 42 14.87 7.84 2.93
N ILE A 43 14.45 9.08 2.90
CA ILE A 43 13.08 9.45 3.25
C ILE A 43 12.35 9.64 1.92
N PRO A 44 11.28 8.86 1.68
CA PRO A 44 10.71 8.70 0.35
C PRO A 44 9.78 9.83 -0.08
N PHE A 45 10.03 11.05 0.38
CA PHE A 45 9.32 12.19 -0.16
C PHE A 45 10.12 13.45 0.11
N THR A 46 9.69 14.54 -0.48
CA THR A 46 10.25 15.84 -0.15
C THR A 46 9.34 16.57 0.79
N PRO A 47 9.92 17.11 1.89
CA PRO A 47 9.13 17.71 2.93
C PRO A 47 8.74 19.15 2.61
N LYS A 48 7.53 19.52 2.99
CA LYS A 48 7.10 20.89 3.03
C LYS A 48 7.07 21.43 4.43
N ARG A 49 7.22 20.55 5.41
CA ARG A 49 7.07 20.97 6.81
C ARG A 49 7.87 20.02 7.71
N TYR A 50 8.34 20.55 8.84
CA TYR A 50 8.90 19.73 9.92
C TYR A 50 8.26 20.21 11.19
N PHE A 51 8.15 19.31 12.17
CA PHE A 51 7.79 19.71 13.52
C PHE A 51 8.46 18.80 14.53
N THR A 52 8.55 19.29 15.76
CA THR A 52 9.18 18.62 16.87
C THR A 52 8.24 18.61 18.03
N VAL A 53 8.04 17.42 18.60
CA VAL A 53 7.27 17.24 19.83
C VAL A 53 8.24 16.96 20.98
N PHE A 54 8.07 17.69 22.08
CA PHE A 54 8.97 17.59 23.19
C PHE A 54 8.30 18.01 24.50
N GLY A 55 8.97 17.70 25.61
CA GLY A 55 8.42 18.09 26.89
C GLY A 55 7.13 17.36 27.27
N VAL A 56 6.99 16.15 26.75
CA VAL A 56 5.79 15.33 26.97
C VAL A 56 5.83 14.75 28.39
N PRO A 57 4.76 14.97 29.17
CA PRO A 57 4.76 14.39 30.49
C PRO A 57 4.86 12.88 30.50
N ASN A 58 5.41 12.37 31.60
CA ASN A 58 5.48 10.94 31.83
C ASN A 58 4.14 10.26 31.58
N LYS A 59 4.18 9.22 30.74
CA LYS A 59 2.98 8.43 30.39
C LYS A 59 1.86 9.13 29.56
N GLU A 60 2.04 10.37 29.14
CA GLU A 60 1.08 10.98 28.22
C GLU A 60 1.07 10.32 26.85
N VAL A 61 -0.09 10.43 26.21
CA VAL A 61 -0.38 9.73 24.93
C VAL A 61 -0.83 10.75 23.89
N ARG A 62 -0.14 10.78 22.76
CA ARG A 62 -0.44 11.72 21.66
C ARG A 62 -0.75 10.91 20.38
N GLY A 63 -1.17 11.61 19.32
CA GLY A 63 -1.59 11.01 18.06
C GLY A 63 -3.07 10.68 18.11
N GLU A 64 -3.40 9.42 17.84
CA GLU A 64 -4.77 8.98 17.58
C GLU A 64 -5.40 9.73 16.38
N HIS A 65 -4.68 9.71 15.27
CA HIS A 65 -5.11 10.27 14.00
C HIS A 65 -4.54 9.44 12.89
N ALA A 66 -5.22 9.59 11.76
CA ALA A 66 -4.63 9.25 10.47
C ALA A 66 -4.71 10.45 9.55
N HIS A 67 -3.81 10.51 8.59
CA HIS A 67 -3.81 11.55 7.58
C HIS A 67 -4.30 11.07 6.22
N LYS A 68 -5.19 11.83 5.62
CA LYS A 68 -5.65 11.42 4.27
C LYS A 68 -4.65 11.59 3.16
N GLU A 69 -3.85 12.67 3.18
CA GLU A 69 -2.85 12.91 2.14
C GLU A 69 -1.43 13.06 2.68
N CYS A 70 -1.30 13.58 3.89
CA CYS A 70 0.04 13.91 4.43
C CYS A 70 0.87 12.66 4.71
N LYS A 71 2.02 12.55 4.06
CA LYS A 71 3.04 11.54 4.40
C LYS A 71 3.85 12.08 5.59
N GLN A 72 4.25 11.19 6.49
CA GLN A 72 5.10 11.62 7.64
C GLN A 72 6.28 10.72 7.81
N PHE A 73 7.32 11.27 8.42
CA PHE A 73 8.53 10.48 8.69
C PHE A 73 8.98 10.88 10.09
N LEU A 74 9.14 9.89 10.96
CA LEU A 74 9.43 10.11 12.39
C LEU A 74 10.84 9.63 12.75
N ILE A 75 11.55 10.49 13.48
CA ILE A 75 12.88 10.19 14.07
C ILE A 75 12.91 10.78 15.48
N CYS A 76 13.18 9.95 16.48
CA CYS A 76 13.35 10.47 17.82
C CYS A 76 14.82 10.90 17.99
N VAL A 77 15.05 12.19 18.05
CA VAL A 77 16.42 12.76 17.94
C VAL A 77 17.14 12.91 19.28
N SER A 78 16.38 12.73 20.34
CA SER A 78 16.89 12.73 21.69
C SER A 78 15.97 11.82 22.48
N GLY A 79 16.52 10.95 23.30
CA GLY A 79 15.68 10.27 24.27
C GLY A 79 15.02 9.12 23.58
N ASN A 80 13.83 8.78 24.05
CA ASN A 80 13.11 7.71 23.38
C ASN A 80 11.60 7.92 23.42
N CYS A 81 10.91 7.30 22.46
CA CYS A 81 9.44 7.29 22.52
C CYS A 81 9.03 6.09 21.74
N SER A 82 7.75 5.70 21.88
CA SER A 82 7.20 4.51 21.24
C SER A 82 6.06 4.96 20.32
N VAL A 83 5.92 4.25 19.20
CA VAL A 83 4.93 4.60 18.20
CA VAL A 83 4.85 4.60 18.30
C VAL A 83 4.12 3.34 17.89
N LEU A 84 2.78 3.46 17.80
CA LEU A 84 1.93 2.40 17.26
C LEU A 84 1.45 2.84 15.88
N VAL A 85 1.63 1.99 14.87
CA VAL A 85 1.14 2.23 13.52
C VAL A 85 0.12 1.15 13.17
N ASP A 86 -0.92 1.54 12.46
CA ASP A 86 -2.09 0.67 12.27
C ASP A 86 -2.66 0.99 10.89
N ASP A 87 -2.72 -0.03 10.04
CA ASP A 87 -3.29 0.11 8.71
C ASP A 87 -4.80 -0.29 8.67
N GLY A 88 -5.42 -0.56 9.82
CA GLY A 88 -6.78 -1.03 9.89
C GLY A 88 -6.91 -2.50 10.15
N GLU A 89 -5.94 -3.28 9.64
CA GLU A 89 -5.91 -4.72 9.76
C GLU A 89 -4.74 -5.18 10.66
N ASN A 90 -3.57 -4.63 10.39
CA ASN A 90 -2.36 -4.98 11.08
C ASN A 90 -1.87 -3.77 11.85
N ARG A 91 -1.39 -4.00 13.05
CA ARG A 91 -0.75 -2.90 13.80
C ARG A 91 0.48 -3.39 14.51
N GLU A 92 1.43 -2.49 14.77
CA GLU A 92 2.70 -2.84 15.41
C GLU A 92 3.23 -1.64 16.16
N GLU A 93 3.96 -1.92 17.25
CA GLU A 93 4.60 -0.89 18.04
C GLU A 93 6.12 -0.91 17.67
N TYR A 94 6.69 0.26 17.50
CA TYR A 94 8.14 0.37 17.31
C TYR A 94 8.66 1.35 18.33
N VAL A 95 9.89 1.11 18.80
CA VAL A 95 10.52 1.97 19.81
C VAL A 95 11.62 2.80 19.10
N LEU A 96 11.44 4.11 19.13
CA LEU A 96 12.35 5.07 18.54
C LEU A 96 13.28 5.57 19.63
N ASP A 97 14.46 4.95 19.70
CA ASP A 97 15.33 5.16 20.86
C ASP A 97 16.74 5.53 20.47
N SER A 98 16.97 5.87 19.21
CA SER A 98 18.27 6.36 18.81
CA SER A 98 18.28 6.31 18.78
C SER A 98 18.11 7.18 17.54
N ILE A 99 19.05 8.10 17.36
CA ILE A 99 18.93 9.16 16.40
C ILE A 99 19.02 8.64 14.99
N ASP A 100 19.56 7.44 14.81
CA ASP A 100 19.67 6.88 13.48
C ASP A 100 18.50 6.00 13.08
N LYS A 101 17.45 5.92 13.92
CA LYS A 101 16.22 5.14 13.60
C LYS A 101 15.10 6.03 13.11
N GLY A 102 14.50 5.67 11.97
CA GLY A 102 13.39 6.47 11.46
C GLY A 102 12.31 5.51 10.94
N ILE A 103 11.10 6.05 10.95
CA ILE A 103 9.92 5.30 10.50
C ILE A 103 9.06 6.16 9.57
N TYR A 104 8.74 5.56 8.42
CA TYR A 104 7.88 6.17 7.42
C TYR A 104 6.44 5.74 7.66
N LEU A 105 5.58 6.75 7.71
CA LEU A 105 4.12 6.57 7.87
C LEU A 105 3.43 7.07 6.62
N PRO A 106 3.05 6.15 5.72
CA PRO A 106 2.29 6.70 4.61
C PRO A 106 0.93 7.22 4.99
N PRO A 107 0.29 7.97 4.09
CA PRO A 107 -1.08 8.38 4.35
C PRO A 107 -1.98 7.22 4.72
N MET A 108 -2.97 7.51 5.55
CA MET A 108 -3.92 6.52 6.03
C MET A 108 -3.31 5.44 6.93
N THR A 109 -2.28 5.86 7.69
CA THR A 109 -1.74 5.11 8.77
C THR A 109 -2.18 5.76 10.07
N TRP A 110 -3.02 5.04 10.83
CA TRP A 110 -3.44 5.55 12.16
C TRP A 110 -2.24 5.42 13.07
N GLY A 111 -1.85 6.51 13.72
CA GLY A 111 -0.65 6.47 14.54
C GLY A 111 -0.91 7.03 15.92
N VAL A 112 -0.20 6.46 16.89
CA VAL A 112 -0.19 6.94 18.25
C VAL A 112 1.28 7.04 18.72
N GLN A 113 1.61 8.05 19.54
CA GLN A 113 2.96 8.22 20.05
C GLN A 113 2.88 8.34 21.53
N TYR A 114 3.73 7.61 22.22
CA TYR A 114 3.51 7.43 23.67
C TYR A 114 4.82 7.03 24.35
N LYS A 115 4.81 6.97 25.67
CA LYS A 115 5.98 6.54 26.43
C LYS A 115 7.21 7.40 26.08
N TYR A 116 7.00 8.71 26.04
CA TYR A 116 8.11 9.59 25.76
C TYR A 116 8.94 9.69 27.03
N SER A 117 10.24 9.65 26.87
CA SER A 117 11.15 9.92 27.99
C SER A 117 11.16 11.41 28.27
N LYS A 118 11.64 11.77 29.46
CA LYS A 118 11.54 13.15 29.87
C LYS A 118 12.20 14.09 28.91
N ASP A 119 13.32 13.70 28.32
CA ASP A 119 13.99 14.66 27.46
C ASP A 119 13.84 14.26 25.99
N ALA A 120 12.82 13.46 25.70
CA ALA A 120 12.65 12.98 24.34
C ALA A 120 12.22 14.13 23.44
N VAL A 121 12.68 14.08 22.21
CA VAL A 121 12.27 14.99 21.15
C VAL A 121 11.98 14.13 19.93
N LEU A 122 10.76 14.26 19.43
CA LEU A 122 10.38 13.56 18.22
C LEU A 122 10.39 14.58 17.09
N LEU A 123 11.13 14.28 16.07
CA LEU A 123 11.15 15.07 14.86
C LEU A 123 10.28 14.40 13.84
N VAL A 124 9.46 15.20 13.15
CA VAL A 124 8.59 14.72 12.08
C VAL A 124 8.80 15.58 10.84
N PHE A 125 9.08 14.93 9.70
CA PHE A 125 9.02 15.57 8.40
C PHE A 125 7.65 15.17 7.76
N ALA A 126 7.05 16.12 7.06
CA ALA A 126 5.68 16.04 6.52
C ALA A 126 5.69 16.52 5.09
N SER A 127 5.07 15.75 4.19
CA SER A 127 4.98 16.12 2.78
C SER A 127 4.12 17.32 2.47
N HIS A 128 3.17 17.65 3.34
CA HIS A 128 2.19 18.67 3.04
C HIS A 128 2.30 19.70 4.12
N TYR A 129 1.98 20.91 3.74
CA TYR A 129 1.79 21.97 4.74
C TYR A 129 0.67 21.56 5.69
N TYR A 130 0.71 22.15 6.87
CA TYR A 130 -0.28 21.85 7.88
C TYR A 130 -1.69 22.17 7.43
N ASP A 131 -2.60 21.21 7.64
CA ASP A 131 -3.99 21.41 7.30
C ASP A 131 -4.85 20.58 8.28
N SER A 132 -5.64 21.22 9.12
CA SER A 132 -6.48 20.53 10.09
C SER A 132 -7.51 19.61 9.44
N ASP A 133 -7.88 19.86 8.17
CA ASP A 133 -8.86 19.04 7.46
C ASP A 133 -8.27 17.75 6.92
N ASP A 134 -6.94 17.58 6.96
CA ASP A 134 -6.31 16.35 6.49
C ASP A 134 -6.44 15.18 7.46
N TYR A 135 -6.87 15.45 8.69
CA TYR A 135 -6.95 14.47 9.75
C TYR A 135 -8.27 13.70 9.74
N ILE A 136 -8.18 12.39 9.87
CA ILE A 136 -9.28 11.60 10.34
C ILE A 136 -9.04 11.32 11.84
N ARG A 137 -10.00 11.70 12.67
CA ARG A 137 -9.78 11.75 14.13
C ARG A 137 -10.63 10.78 14.91
N ASP A 138 -11.36 9.94 14.20
CA ASP A 138 -11.97 8.82 14.91
C ASP A 138 -11.79 7.53 14.16
N TYR A 139 -11.63 6.52 14.97
CA TYR A 139 -11.12 5.25 14.51
C TYR A 139 -12.04 4.47 13.62
N SER A 140 -13.31 4.41 13.95
CA SER A 140 -14.28 3.75 13.11
C SER A 140 -14.37 4.32 11.68
N THR A 141 -14.36 5.64 11.56
CA THR A 141 -14.34 6.29 10.26
C THR A 141 -13.11 5.86 9.45
N PHE A 142 -11.96 5.81 10.12
CA PHE A 142 -10.72 5.33 9.55
C PHE A 142 -10.90 3.92 9.07
N LYS A 143 -11.53 3.09 9.90
CA LYS A 143 -11.71 1.67 9.52
C LYS A 143 -12.53 1.56 8.25
N GLN A 144 -13.60 2.33 8.11
CA GLN A 144 -14.44 2.27 6.87
C GLN A 144 -13.58 2.59 5.62
N MET A 145 -12.69 3.56 5.73
CA MET A 145 -11.89 4.07 4.61
C MET A 145 -10.79 3.11 4.24
N ARG A 146 -10.44 2.21 5.13
CA ARG A 146 -9.47 1.15 4.88
C ARG A 146 -10.01 -0.15 4.31
N GLN A 147 -11.33 -0.29 4.24
CA GLN A 147 -11.90 -1.59 3.91
C GLN A 147 -11.51 -1.88 2.45
N ASN A 148 -11.38 -3.13 2.07
CA ASN A 148 -11.11 -3.39 0.65
C ASN A 148 -12.36 -3.01 -0.13
N ASN B 5 18.70 39.16 23.41
CA ASN B 5 17.35 39.35 22.79
C ASN B 5 17.36 39.18 21.26
N ASN B 6 18.12 38.21 20.78
CA ASN B 6 18.35 38.05 19.33
C ASN B 6 17.30 37.24 18.59
N PHE B 7 16.62 36.34 19.29
CA PHE B 7 15.56 35.53 18.71
C PHE B 7 14.19 35.93 19.28
N GLU B 8 14.12 37.16 19.77
CA GLU B 8 12.91 37.74 20.35
C GLU B 8 11.69 37.68 19.42
N LEU B 9 11.88 38.05 18.16
CA LEU B 9 10.79 38.13 17.20
C LEU B 9 10.69 36.85 16.39
N LYS B 10 9.58 36.69 15.67
CA LYS B 10 9.45 35.58 14.76
C LYS B 10 10.64 35.54 13.80
N LEU B 11 11.04 36.73 13.34
CA LEU B 11 12.03 36.86 12.28
C LEU B 11 12.85 38.14 12.52
N GLN B 12 14.17 38.03 12.41
CA GLN B 12 15.04 39.21 12.42
C GLN B 12 16.27 38.96 11.56
N MET B 13 16.76 40.02 10.94
CA MET B 13 17.89 39.90 10.02
C MET B 13 19.13 40.27 10.81
N SER B 14 20.16 39.44 10.66
CA SER B 14 21.48 39.68 11.20
C SER B 14 22.14 40.82 10.42
N LYS B 15 23.15 41.42 11.01
CA LYS B 15 24.01 42.31 10.24
C LYS B 15 24.90 41.53 9.28
N VAL B 16 24.94 40.22 9.45
CA VAL B 16 25.71 39.38 8.56
C VAL B 16 24.80 39.10 7.37
N LYS B 17 25.28 39.43 6.18
CA LYS B 17 24.41 39.55 4.99
C LYS B 17 23.58 38.29 4.75
N GLY B 18 22.27 38.46 4.77
CA GLY B 18 21.36 37.36 4.42
C GLY B 18 21.15 36.31 5.49
N VAL B 19 21.83 36.41 6.63
CA VAL B 19 21.57 35.55 7.76
C VAL B 19 20.30 36.02 8.44
N SER B 20 19.44 35.06 8.82
CA SER B 20 18.17 35.35 9.50
C SER B 20 18.01 34.47 10.74
N LEU B 21 17.50 35.08 11.79
CA LEU B 21 17.24 34.40 13.04
C LEU B 21 15.72 34.20 13.17
N HIS B 22 15.32 33.01 13.65
CA HIS B 22 13.94 32.54 13.55
C HIS B 22 13.48 32.04 14.90
N LYS B 23 12.23 32.37 15.23
CA LYS B 23 11.52 31.80 16.36
C LYS B 23 10.28 31.08 15.86
N PHE B 24 10.17 29.77 16.11
CA PHE B 24 9.13 28.96 15.48
C PHE B 24 7.83 28.96 16.28
N HIS B 25 6.72 28.86 15.56
CA HIS B 25 5.42 28.60 16.17
C HIS B 25 5.53 27.42 17.12
N LEU B 26 5.05 27.67 18.33
CA LEU B 26 5.07 26.77 19.46
C LEU B 26 3.66 26.66 20.06
N VAL B 27 3.15 25.44 20.15
CA VAL B 27 1.87 25.17 20.80
C VAL B 27 2.15 24.27 21.99
N ASN B 28 1.84 24.76 23.17
CA ASN B 28 1.86 23.95 24.36
C ASN B 28 0.47 23.45 24.76
N ASP B 29 0.38 22.21 25.23
CA ASP B 29 -0.82 21.77 25.89
C ASP B 29 -0.46 20.81 27.01
N LEU B 30 -1.47 20.21 27.65
CA LEU B 30 -1.21 19.36 28.80
C LEU B 30 -0.35 18.17 28.43
N ARG B 31 -0.32 17.82 27.14
CA ARG B 31 0.48 16.71 26.70
C ARG B 31 1.88 17.12 26.22
N GLY B 32 2.28 18.37 26.47
CA GLY B 32 3.61 18.85 26.09
C GLY B 32 3.58 19.84 24.93
N ASN B 33 4.69 19.93 24.21
CA ASN B 33 4.96 21.00 23.28
C ASN B 33 5.15 20.49 21.87
N LEU B 34 4.74 21.27 20.88
CA LEU B 34 4.97 21.02 19.46
C LEU B 34 5.43 22.33 18.84
N SER B 35 6.57 22.31 18.13
CA SER B 35 7.01 23.51 17.41
C SER B 35 7.11 23.14 15.96
N VAL B 36 6.82 24.10 15.11
CA VAL B 36 6.74 23.75 13.71
C VAL B 36 7.27 24.85 12.77
N GLY B 37 7.84 24.44 11.65
CA GLY B 37 8.15 25.31 10.55
C GLY B 37 7.89 24.70 9.20
N GLU B 38 7.67 25.59 8.25
CA GLU B 38 7.35 25.20 6.91
C GLU B 38 8.41 25.71 5.96
N PHE B 39 8.82 24.80 5.12
CA PHE B 39 9.79 25.05 4.07
C PHE B 39 9.22 25.92 2.98
N GLU B 40 10.07 26.85 2.56
CA GLU B 40 9.76 27.93 1.64
C GLU B 40 8.77 28.91 2.25
N LYS B 41 8.73 28.97 3.59
CA LYS B 41 7.92 29.91 4.35
C LYS B 41 8.74 30.45 5.48
N ASP B 42 8.80 29.75 6.61
CA ASP B 42 9.60 30.18 7.75
C ASP B 42 11.05 29.91 7.47
N ILE B 43 11.31 28.80 6.78
CA ILE B 43 12.65 28.38 6.42
C ILE B 43 12.72 28.59 4.92
N PRO B 44 13.71 29.36 4.44
CA PRO B 44 13.59 29.87 3.05
C PRO B 44 14.06 28.97 1.92
N PHE B 45 14.12 27.67 2.12
CA PHE B 45 14.36 26.81 1.00
C PHE B 45 13.73 25.44 1.32
N THR B 46 13.76 24.56 0.35
CA THR B 46 13.34 23.20 0.58
C THR B 46 14.55 22.28 0.63
N PRO B 47 14.69 21.48 1.70
CA PRO B 47 15.89 20.65 1.79
C PRO B 47 15.86 19.45 0.92
N LYS B 48 17.04 19.01 0.50
CA LYS B 48 17.27 17.70 -0.09
C LYS B 48 17.93 16.76 0.92
N ARG B 49 18.38 17.29 2.06
CA ARG B 49 19.17 16.54 3.01
C ARG B 49 18.97 17.10 4.39
N TYR B 50 19.05 16.24 5.39
CA TYR B 50 19.17 16.67 6.77
C TYR B 50 20.34 15.90 7.39
N PHE B 51 20.90 16.48 8.41
CA PHE B 51 21.90 15.78 9.19
C PHE B 51 21.84 16.28 10.63
N THR B 52 22.35 15.44 11.54
CA THR B 52 22.35 15.74 12.97
C THR B 52 23.79 15.59 13.45
N VAL B 53 24.21 16.52 14.29
CA VAL B 53 25.56 16.47 14.87
C VAL B 53 25.35 16.36 16.38
N PHE B 54 26.01 15.40 17.01
CA PHE B 54 25.80 15.09 18.41
C PHE B 54 27.05 14.52 19.06
N GLY B 55 27.07 14.53 20.41
CA GLY B 55 28.15 13.89 21.18
C GLY B 55 29.49 14.59 20.89
N VAL B 56 29.42 15.91 20.78
CA VAL B 56 30.59 16.72 20.42
C VAL B 56 31.32 17.04 21.74
N PRO B 57 32.64 16.77 21.83
CA PRO B 57 33.42 17.13 23.03
C PRO B 57 33.41 18.62 23.28
N ASN B 58 33.47 19.05 24.54
CA ASN B 58 33.18 20.47 24.84
C ASN B 58 34.18 21.46 24.20
N LYS B 59 35.41 21.01 23.97
CA LYS B 59 36.42 21.93 23.41
C LYS B 59 36.46 21.97 21.88
N GLU B 60 35.62 21.17 21.22
CA GLU B 60 35.68 21.09 19.80
C GLU B 60 35.14 22.32 19.13
N VAL B 61 35.76 22.61 17.98
CA VAL B 61 35.37 23.69 17.11
C VAL B 61 35.17 23.08 15.75
N ARG B 62 33.98 23.21 15.20
CA ARG B 62 33.64 22.60 13.93
C ARG B 62 33.35 23.70 12.93
N GLY B 63 33.47 23.37 11.65
CA GLY B 63 33.30 24.30 10.54
C GLY B 63 34.57 25.00 10.15
N GLU B 64 34.55 26.31 10.28
CA GLU B 64 35.60 27.16 9.74
C GLU B 64 35.78 27.07 8.23
N HIS B 65 34.66 27.21 7.51
CA HIS B 65 34.66 27.22 6.05
C HIS B 65 33.30 27.73 5.56
N ALA B 66 33.14 27.73 4.25
CA ALA B 66 31.90 28.24 3.67
C ALA B 66 31.48 27.34 2.56
N HIS B 67 30.22 27.50 2.18
CA HIS B 67 29.66 26.82 1.06
C HIS B 67 29.41 27.76 -0.14
N LYS B 68 29.73 27.23 -1.31
CA LYS B 68 29.52 27.88 -2.59
C LYS B 68 28.03 27.97 -2.92
N GLU B 69 27.30 26.87 -2.79
CA GLU B 69 25.87 26.84 -3.18
C GLU B 69 24.96 26.38 -2.04
N CYS B 70 25.43 25.46 -1.20
CA CYS B 70 24.54 24.87 -0.17
C CYS B 70 24.02 25.83 0.86
N LYS B 71 22.69 25.94 0.92
CA LYS B 71 22.00 26.69 1.94
C LYS B 71 21.86 25.73 3.11
N GLN B 72 22.03 26.29 4.30
CA GLN B 72 21.79 25.57 5.54
C GLN B 72 20.87 26.28 6.51
N PHE B 73 20.25 25.45 7.34
CA PHE B 73 19.37 25.92 8.37
C PHE B 73 19.56 25.09 9.63
N LEU B 74 19.89 25.76 10.71
CA LEU B 74 20.36 25.12 11.94
C LEU B 74 19.38 25.35 13.07
N ILE B 75 19.04 24.27 13.75
CA ILE B 75 18.25 24.25 14.99
C ILE B 75 18.91 23.28 15.96
N CYS B 76 19.24 23.78 17.14
CA CYS B 76 19.72 22.95 18.21
C CYS B 76 18.52 22.40 19.01
N VAL B 77 18.24 21.12 18.80
CA VAL B 77 17.00 20.51 19.29
C VAL B 77 17.07 20.00 20.73
N SER B 78 18.28 19.91 21.26
CA SER B 78 18.53 19.46 22.61
C SER B 78 19.82 20.13 23.04
N GLY B 79 19.81 20.70 24.24
CA GLY B 79 20.99 21.32 24.78
C GLY B 79 21.33 22.61 24.06
N ASN B 80 22.62 22.93 23.99
CA ASN B 80 23.02 24.21 23.38
C ASN B 80 24.33 24.11 22.60
N CYS B 81 24.40 24.93 21.56
CA CYS B 81 25.66 25.24 20.90
C CYS B 81 25.71 26.70 20.46
N SER B 82 26.91 27.15 20.09
CA SER B 82 27.05 28.49 19.53
C SER B 82 27.48 28.48 18.07
N VAL B 83 27.01 29.45 17.30
CA VAL B 83 27.32 29.57 15.90
C VAL B 83 27.98 30.93 15.64
N LEU B 84 29.12 30.91 14.93
CA LEU B 84 29.73 32.15 14.42
C LEU B 84 29.54 32.25 12.95
N VAL B 85 29.06 33.40 12.49
CA VAL B 85 28.82 33.60 11.07
C VAL B 85 29.52 34.88 10.58
N ASP B 86 30.03 34.81 9.36
CA ASP B 86 30.93 35.84 8.80
C ASP B 86 30.59 35.95 7.31
N ASP B 87 30.33 37.16 6.84
CA ASP B 87 30.13 37.41 5.40
C ASP B 87 31.38 38.03 4.78
N GLY B 88 32.45 38.14 5.57
CA GLY B 88 33.70 38.76 5.07
C GLY B 88 33.92 40.20 5.50
N GLU B 89 32.86 40.86 5.97
CA GLU B 89 32.92 42.20 6.54
C GLU B 89 32.40 42.24 7.96
N ASN B 90 31.27 41.57 8.22
CA ASN B 90 30.71 41.49 9.55
C ASN B 90 30.72 40.02 10.06
N ARG B 91 30.93 39.90 11.37
CA ARG B 91 30.87 38.63 12.06
C ARG B 91 30.05 38.74 13.33
N GLU B 92 29.21 37.70 13.57
CA GLU B 92 28.42 37.64 14.78
C GLU B 92 28.30 36.21 15.33
N GLU B 93 28.08 36.12 16.62
CA GLU B 93 27.87 34.89 17.32
C GLU B 93 26.42 34.80 17.79
N TYR B 94 25.83 33.62 17.67
CA TYR B 94 24.45 33.42 18.16
C TYR B 94 24.44 32.10 18.92
N VAL B 95 23.61 32.02 19.95
CA VAL B 95 23.57 30.87 20.82
C VAL B 95 22.24 30.14 20.52
N LEU B 96 22.35 28.92 20.03
CA LEU B 96 21.18 28.11 19.74
C LEU B 96 20.95 27.27 20.98
N ASP B 97 20.02 27.71 21.83
CA ASP B 97 19.81 27.04 23.13
C ASP B 97 18.36 26.64 23.42
N SER B 98 17.55 26.57 22.38
CA SER B 98 16.14 26.25 22.54
C SER B 98 15.68 25.72 21.19
N ILE B 99 14.79 24.75 21.23
CA ILE B 99 14.27 24.11 20.06
C ILE B 99 13.47 25.00 19.11
N ASP B 100 13.00 26.16 19.56
CA ASP B 100 12.17 26.98 18.72
C ASP B 100 12.98 28.13 18.12
N LYS B 101 14.31 28.05 18.29
CA LYS B 101 15.27 28.96 17.62
C LYS B 101 15.98 28.33 16.43
N GLY B 102 16.05 29.07 15.34
CA GLY B 102 16.70 28.59 14.13
C GLY B 102 17.46 29.71 13.49
N ILE B 103 18.46 29.33 12.70
CA ILE B 103 19.28 30.28 11.98
C ILE B 103 19.54 29.79 10.56
N TYR B 104 19.34 30.71 9.64
CA TYR B 104 19.57 30.50 8.24
C TYR B 104 20.99 30.99 7.83
N LEU B 105 21.77 30.07 7.25
CA LEU B 105 23.09 30.38 6.66
C LEU B 105 23.01 30.33 5.12
N PRO B 106 22.89 31.50 4.45
CA PRO B 106 22.91 31.41 3.00
C PRO B 106 24.27 30.96 2.51
N PRO B 107 24.39 30.56 1.23
CA PRO B 107 25.66 30.23 0.60
C PRO B 107 26.64 31.38 0.83
N MET B 108 27.93 31.07 0.86
CA MET B 108 28.97 32.08 1.08
C MET B 108 28.90 32.71 2.44
N THR B 109 28.46 31.90 3.42
CA THR B 109 28.57 32.31 4.78
C THR B 109 29.63 31.42 5.40
N TRP B 110 30.68 32.05 5.92
CA TRP B 110 31.76 31.32 6.60
C TRP B 110 31.29 31.13 8.03
N GLY B 111 31.20 29.86 8.37
CA GLY B 111 30.52 29.41 9.56
C GLY B 111 31.37 28.55 10.49
N VAL B 112 31.10 28.70 11.77
CA VAL B 112 31.63 27.88 12.86
C VAL B 112 30.50 27.45 13.82
N GLN B 113 30.57 26.19 14.26
CA GLN B 113 29.75 25.71 15.36
C GLN B 113 30.67 25.20 16.48
N TYR B 114 30.45 25.69 17.67
CA TYR B 114 31.34 25.38 18.77
C TYR B 114 30.62 25.53 20.09
N LYS B 115 31.35 25.35 21.20
CA LYS B 115 30.79 25.35 22.53
C LYS B 115 29.53 24.46 22.65
N TYR B 116 29.60 23.27 22.07
CA TYR B 116 28.52 22.30 22.22
C TYR B 116 28.42 21.83 23.67
N SER B 117 27.21 21.80 24.21
CA SER B 117 27.01 21.13 25.50
C SER B 117 27.04 19.63 25.33
N LYS B 118 27.26 18.94 26.44
CA LYS B 118 27.40 17.49 26.43
C LYS B 118 26.24 16.79 25.73
N ASP B 119 25.05 17.28 26.02
CA ASP B 119 23.79 16.75 25.49
C ASP B 119 23.28 17.43 24.21
N ALA B 120 24.12 18.26 23.57
CA ALA B 120 23.67 18.99 22.42
C ALA B 120 23.48 18.09 21.23
N VAL B 121 22.38 18.42 20.54
CA VAL B 121 22.07 17.80 19.28
C VAL B 121 21.70 18.90 18.30
N LEU B 122 22.48 19.02 17.22
CA LEU B 122 22.25 20.07 16.24
C LEU B 122 21.65 19.46 15.00
N LEU B 123 20.52 20.01 14.59
CA LEU B 123 19.86 19.56 13.40
C LEU B 123 20.10 20.58 12.32
N VAL B 124 20.45 20.05 11.15
CA VAL B 124 20.71 20.87 9.99
C VAL B 124 19.91 20.42 8.78
N PHE B 125 19.19 21.36 8.19
CA PHE B 125 18.59 21.14 6.87
C PHE B 125 19.51 21.75 5.78
N ALA B 126 19.65 21.05 4.66
CA ALA B 126 20.54 21.47 3.59
C ALA B 126 19.81 21.41 2.25
N SER B 127 20.07 22.41 1.43
CA SER B 127 19.35 22.58 0.17
C SER B 127 19.88 21.60 -0.84
N HIS B 128 21.11 21.12 -0.65
CA HIS B 128 21.75 20.26 -1.64
C HIS B 128 22.17 18.98 -0.97
N TYR B 129 22.20 17.91 -1.74
CA TYR B 129 22.91 16.70 -1.31
C TYR B 129 24.38 17.03 -1.04
N TYR B 130 25.01 16.20 -0.20
CA TYR B 130 26.41 16.33 0.19
C TYR B 130 27.30 16.39 -1.02
N ASP B 131 28.18 17.39 -1.05
CA ASP B 131 29.09 17.56 -2.17
C ASP B 131 30.40 18.08 -1.61
N SER B 132 31.43 17.25 -1.72
CA SER B 132 32.79 17.55 -1.25
C SER B 132 33.42 18.78 -1.91
N ASP B 133 33.01 19.10 -3.13
CA ASP B 133 33.48 20.29 -3.84
C ASP B 133 32.70 21.57 -3.55
N ASP B 134 31.71 21.52 -2.67
CA ASP B 134 30.93 22.71 -2.40
C ASP B 134 31.61 23.60 -1.37
N TYR B 135 32.84 23.26 -0.99
CA TYR B 135 33.52 23.96 0.12
C TYR B 135 34.50 25.03 -0.31
N ILE B 136 34.49 26.15 0.40
CA ILE B 136 35.50 27.18 0.23
C ILE B 136 36.32 27.09 1.52
N ARG B 137 37.60 26.75 1.39
CA ARG B 137 38.41 26.46 2.59
C ARG B 137 39.47 27.53 2.88
N ASP B 138 39.74 28.40 1.93
CA ASP B 138 40.78 29.44 2.02
C ASP B 138 40.07 30.77 2.29
N TYR B 139 40.38 31.40 3.41
CA TYR B 139 39.66 32.57 3.84
C TYR B 139 39.92 33.73 2.92
N SER B 140 41.13 33.78 2.35
CA SER B 140 41.47 34.85 1.46
C SER B 140 40.66 34.72 0.16
N THR B 141 40.52 33.49 -0.30
CA THR B 141 39.70 33.22 -1.49
C THR B 141 38.26 33.64 -1.19
N PHE B 142 37.79 33.32 0.01
CA PHE B 142 36.42 33.58 0.38
C PHE B 142 36.18 35.06 0.32
N LYS B 143 37.08 35.87 0.89
CA LYS B 143 36.92 37.31 0.90
C LYS B 143 36.95 37.87 -0.52
N GLN B 144 37.80 37.29 -1.36
CA GLN B 144 37.91 37.82 -2.72
C GLN B 144 36.55 37.64 -3.37
N MET B 145 36.08 36.39 -3.36
CA MET B 145 34.75 36.04 -3.88
C MET B 145 33.62 36.94 -3.40
N ARG B 146 33.61 37.40 -2.15
CA ARG B 146 32.49 38.19 -1.66
C ARG B 146 32.41 39.56 -2.33
N GLY C 1 -25.87 0.73 16.10
CA GLY C 1 -25.16 -0.08 17.09
C GLY C 1 -24.24 0.80 17.90
N HIS C 2 -23.23 0.16 18.48
CA HIS C 2 -22.33 0.85 19.38
C HIS C 2 -21.26 1.66 18.69
N MET C 3 -21.08 1.53 17.39
CA MET C 3 -20.16 2.43 16.68
C MET C 3 -20.85 3.73 16.29
N SER C 4 -20.04 4.77 16.11
CA SER C 4 -20.55 6.05 15.60
C SER C 4 -19.45 6.63 14.77
N ASN C 5 -19.82 7.04 13.56
CA ASN C 5 -18.85 7.48 12.58
C ASN C 5 -19.00 8.98 12.32
N ASN C 6 -18.02 9.52 11.59
CA ASN C 6 -17.98 10.95 11.31
CA ASN C 6 -18.04 10.94 11.28
C ASN C 6 -17.52 11.18 9.86
N PHE C 7 -18.36 10.85 8.90
CA PHE C 7 -17.97 10.97 7.50
C PHE C 7 -18.05 12.38 6.94
N GLU C 8 -18.73 13.29 7.65
CA GLU C 8 -18.82 14.66 7.20
C GLU C 8 -17.70 15.49 7.80
N LEU C 9 -16.90 16.11 6.94
CA LEU C 9 -15.73 16.88 7.36
C LEU C 9 -16.15 18.29 7.76
N LYS C 10 -17.06 18.89 6.99
CA LYS C 10 -17.44 20.30 7.21
C LYS C 10 -18.90 20.51 6.85
N LEU C 11 -19.56 21.40 7.58
CA LEU C 11 -20.91 21.83 7.31
C LEU C 11 -20.92 23.36 7.43
N GLN C 12 -21.50 24.04 6.44
CA GLN C 12 -21.66 25.49 6.49
C GLN C 12 -23.05 25.85 6.04
N MET C 13 -23.54 27.00 6.49
CA MET C 13 -24.85 27.42 6.07
C MET C 13 -24.74 28.52 4.99
N SER C 14 -25.73 28.51 4.12
CA SER C 14 -25.91 29.49 3.05
C SER C 14 -26.75 30.65 3.61
N LYS C 15 -26.55 31.83 3.05
CA LYS C 15 -27.50 32.95 3.17
C LYS C 15 -28.91 32.60 2.68
N VAL C 16 -29.02 31.64 1.75
CA VAL C 16 -30.27 31.21 1.28
C VAL C 16 -30.85 30.31 2.37
N LYS C 17 -32.04 30.67 2.86
CA LYS C 17 -32.54 30.15 4.13
C LYS C 17 -32.57 28.61 4.22
N GLY C 18 -31.88 28.05 5.20
CA GLY C 18 -31.93 26.59 5.40
C GLY C 18 -31.06 25.78 4.46
N VAL C 19 -30.51 26.41 3.44
CA VAL C 19 -29.58 25.70 2.53
C VAL C 19 -28.27 25.44 3.24
N SER C 20 -27.78 24.20 3.22
CA SER C 20 -26.51 23.87 3.85
C SER C 20 -25.55 23.24 2.86
N LEU C 21 -24.28 23.50 3.12
CA LEU C 21 -23.16 23.15 2.23
C LEU C 21 -22.35 22.11 2.96
N HIS C 22 -22.21 20.93 2.38
CA HIS C 22 -21.61 19.79 3.06
C HIS C 22 -20.35 19.30 2.40
N LYS C 23 -19.34 19.01 3.22
CA LYS C 23 -18.12 18.41 2.72
C LYS C 23 -17.84 17.09 3.42
N PHE C 24 -17.74 16.01 2.64
CA PHE C 24 -17.54 14.68 3.15
C PHE C 24 -16.04 14.34 3.07
N HIS C 25 -15.53 13.46 3.93
CA HIS C 25 -14.16 13.05 3.80
C HIS C 25 -14.02 12.34 2.43
N LEU C 26 -12.89 12.60 1.78
CA LEU C 26 -12.49 11.93 0.54
C LEU C 26 -11.15 11.30 0.78
N VAL C 27 -11.01 10.02 0.45
CA VAL C 27 -9.79 9.32 0.61
C VAL C 27 -9.31 8.77 -0.73
N ASN C 28 -8.11 9.17 -1.14
CA ASN C 28 -7.53 8.83 -2.45
C ASN C 28 -6.48 7.77 -2.22
N ASP C 29 -6.37 6.79 -3.12
CA ASP C 29 -5.39 5.74 -2.97
C ASP C 29 -5.07 5.30 -4.39
N LEU C 30 -3.84 4.82 -4.60
CA LEU C 30 -3.53 4.15 -5.90
C LEU C 30 -4.56 3.10 -6.25
N ARG C 31 -5.19 2.45 -5.27
CA ARG C 31 -6.18 1.41 -5.55
C ARG C 31 -7.60 1.91 -5.80
N GLY C 32 -7.82 3.20 -5.64
CA GLY C 32 -9.16 3.71 -5.82
C GLY C 32 -9.48 4.67 -4.70
N ASN C 33 -10.41 5.55 -5.03
CA ASN C 33 -10.77 6.63 -4.15
C ASN C 33 -12.15 6.38 -3.56
N LEU C 34 -12.47 7.05 -2.43
CA LEU C 34 -13.68 6.73 -1.74
C LEU C 34 -14.22 7.96 -1.02
N SER C 35 -15.54 8.14 -1.11
CA SER C 35 -16.23 9.09 -0.23
C SER C 35 -17.51 8.45 0.28
N VAL C 36 -17.92 8.76 1.52
CA VAL C 36 -19.00 8.09 2.25
C VAL C 36 -19.87 9.17 2.91
N GLY C 37 -21.16 8.95 3.00
CA GLY C 37 -22.04 9.82 3.85
C GLY C 37 -23.13 8.99 4.48
N GLU C 38 -23.62 9.44 5.64
CA GLU C 38 -24.69 8.76 6.35
C GLU C 38 -25.95 9.60 6.37
N PHE C 39 -27.07 8.96 6.07
CA PHE C 39 -28.40 9.59 6.09
C PHE C 39 -28.93 9.79 7.54
N GLU C 40 -29.82 10.76 7.71
CA GLU C 40 -30.41 11.10 9.00
C GLU C 40 -29.27 11.39 9.97
N LYS C 41 -28.22 11.99 9.44
CA LYS C 41 -27.03 12.33 10.21
C LYS C 41 -26.27 13.39 9.49
N ASP C 42 -25.72 13.06 8.33
CA ASP C 42 -24.93 14.00 7.56
C ASP C 42 -25.89 14.61 6.55
N ILE C 43 -26.54 13.77 5.74
CA ILE C 43 -27.65 14.23 4.96
C ILE C 43 -28.85 14.23 5.91
N PRO C 44 -29.57 15.36 6.02
CA PRO C 44 -30.48 15.49 7.18
C PRO C 44 -31.86 14.89 6.96
N PHE C 45 -31.97 13.84 6.15
CA PHE C 45 -33.24 13.18 6.03
C PHE C 45 -33.00 11.74 5.57
N THR C 46 -34.07 10.95 5.66
CA THR C 46 -34.09 9.62 5.05
C THR C 46 -34.72 9.61 3.67
N PRO C 47 -34.02 9.09 2.68
CA PRO C 47 -34.33 9.19 1.28
C PRO C 47 -35.40 8.16 0.93
N LYS C 48 -36.35 8.59 0.10
CA LYS C 48 -37.27 7.66 -0.56
C LYS C 48 -37.02 7.45 -2.03
N ARG C 49 -36.13 8.24 -2.63
CA ARG C 49 -35.86 8.21 -4.03
C ARG C 49 -34.49 8.82 -4.34
N TYR C 50 -33.86 8.37 -5.41
CA TYR C 50 -32.67 9.02 -5.94
C TYR C 50 -32.98 9.15 -7.42
N PHE C 51 -32.38 10.14 -8.05
CA PHE C 51 -32.32 10.19 -9.48
C PHE C 51 -31.02 10.79 -9.96
N THR C 52 -30.71 10.57 -11.23
CA THR C 52 -29.44 11.03 -11.77
C THR C 52 -29.75 11.80 -13.04
N VAL C 53 -29.04 12.89 -13.24
CA VAL C 53 -29.24 13.74 -14.40
C VAL C 53 -27.92 13.80 -15.11
N PHE C 54 -27.94 13.52 -16.42
CA PHE C 54 -26.69 13.38 -17.11
C PHE C 54 -26.88 13.64 -18.64
N GLY C 55 -25.78 13.73 -19.36
CA GLY C 55 -25.81 14.06 -20.80
C GLY C 55 -26.52 15.37 -21.09
N VAL C 56 -26.29 16.33 -20.23
CA VAL C 56 -26.92 17.66 -20.35
C VAL C 56 -26.08 18.52 -21.28
N PRO C 57 -26.73 19.08 -22.33
CA PRO C 57 -25.99 19.89 -23.28
C PRO C 57 -25.49 21.22 -22.75
N ASN C 58 -24.45 21.72 -23.39
CA ASN C 58 -24.05 23.09 -23.30
C ASN C 58 -25.29 24.02 -23.39
N LYS C 59 -25.36 24.93 -22.43
CA LYS C 59 -26.33 26.03 -22.40
C LYS C 59 -27.67 25.65 -21.84
N GLU C 60 -27.93 24.36 -21.60
CA GLU C 60 -29.16 23.97 -21.01
C GLU C 60 -29.21 24.43 -19.56
N VAL C 61 -30.38 24.95 -19.22
CA VAL C 61 -30.83 25.30 -17.88
C VAL C 61 -31.96 24.44 -17.36
N ARG C 62 -31.72 23.71 -16.25
CA ARG C 62 -32.66 22.80 -15.68
C ARG C 62 -33.19 23.23 -14.32
N GLY C 63 -34.21 22.53 -13.82
CA GLY C 63 -34.85 22.90 -12.55
C GLY C 63 -35.89 23.99 -12.76
N GLU C 64 -35.75 25.13 -12.09
CA GLU C 64 -36.74 26.21 -12.18
C GLU C 64 -38.06 25.78 -11.53
N HIS C 65 -37.96 25.33 -10.29
CA HIS C 65 -39.13 25.10 -9.48
C HIS C 65 -38.69 25.01 -8.05
N ALA C 66 -39.69 24.89 -7.20
CA ALA C 66 -39.49 24.60 -5.82
C ALA C 66 -40.42 23.46 -5.51
N HIS C 67 -40.17 22.80 -4.39
CA HIS C 67 -41.01 21.77 -3.86
C HIS C 67 -41.74 22.21 -2.61
N LYS C 68 -43.03 21.89 -2.52
CA LYS C 68 -43.73 22.20 -1.31
C LYS C 68 -43.25 21.41 -0.13
N GLU C 69 -43.00 20.12 -0.36
CA GLU C 69 -42.62 19.27 0.77
C GLU C 69 -41.30 18.49 0.58
N CYS C 70 -40.98 18.13 -0.67
CA CYS C 70 -39.83 17.28 -0.91
C CYS C 70 -38.50 18.00 -0.56
N LYS C 71 -37.67 17.29 0.19
CA LYS C 71 -36.30 17.67 0.49
C LYS C 71 -35.39 17.07 -0.56
N GLN C 72 -34.31 17.77 -0.87
CA GLN C 72 -33.34 17.28 -1.85
CA GLN C 72 -33.33 17.27 -1.85
C GLN C 72 -31.88 17.45 -1.37
N PHE C 73 -31.01 16.53 -1.79
CA PHE C 73 -29.61 16.64 -1.51
C PHE C 73 -28.90 16.31 -2.80
N LEU C 74 -28.04 17.23 -3.23
CA LEU C 74 -27.37 17.20 -4.53
C LEU C 74 -25.89 16.94 -4.35
N ILE C 75 -25.38 15.99 -5.14
CA ILE C 75 -23.96 15.72 -5.28
C ILE C 75 -23.63 15.50 -6.74
N CYS C 76 -22.66 16.22 -7.25
CA CYS C 76 -22.20 16.01 -8.64
C CYS C 76 -21.11 14.94 -8.63
N VAL C 77 -21.46 13.73 -9.08
CA VAL C 77 -20.59 12.57 -8.87
C VAL C 77 -19.58 12.40 -9.98
N SER C 78 -19.73 13.10 -11.11
CA SER C 78 -18.76 13.12 -12.16
C SER C 78 -18.88 14.49 -12.83
N GLY C 79 -17.73 15.10 -13.12
CA GLY C 79 -17.64 16.38 -13.78
C GLY C 79 -18.10 17.51 -12.86
N ASN C 80 -18.74 18.53 -13.41
CA ASN C 80 -19.21 19.66 -12.61
C ASN C 80 -20.52 20.22 -13.10
N CYS C 81 -21.27 20.89 -12.20
CA CYS C 81 -22.43 21.67 -12.62
C CYS C 81 -22.63 22.76 -11.55
N SER C 82 -23.42 23.75 -11.90
CA SER C 82 -23.69 24.91 -10.99
C SER C 82 -25.12 24.85 -10.58
N VAL C 83 -25.34 25.22 -9.32
CA VAL C 83 -26.65 25.21 -8.74
C VAL C 83 -26.98 26.60 -8.24
N LEU C 84 -28.14 27.10 -8.62
CA LEU C 84 -28.68 28.34 -8.04
C LEU C 84 -29.75 27.96 -7.06
N VAL C 85 -29.72 28.65 -5.91
CA VAL C 85 -30.73 28.41 -4.90
C VAL C 85 -31.33 29.76 -4.48
N ASP C 86 -32.63 29.79 -4.22
CA ASP C 86 -33.36 31.11 -4.02
C ASP C 86 -34.50 30.88 -3.02
N ASP C 87 -34.53 31.67 -1.92
CA ASP C 87 -35.54 31.52 -0.87
C ASP C 87 -36.67 32.54 -1.01
N GLY C 88 -36.66 33.23 -2.13
CA GLY C 88 -37.64 34.28 -2.37
C GLY C 88 -37.11 35.65 -2.12
N GLU C 89 -36.03 35.80 -1.32
CA GLU C 89 -35.36 37.05 -1.10
C GLU C 89 -33.86 37.06 -1.44
N ASN C 90 -33.20 35.95 -1.15
CA ASN C 90 -31.77 35.75 -1.40
C ASN C 90 -31.60 34.64 -2.46
N ARG C 91 -30.62 34.82 -3.30
CA ARG C 91 -30.26 33.84 -4.37
C ARG C 91 -28.73 33.73 -4.40
N GLU C 92 -28.18 32.50 -4.51
CA GLU C 92 -26.74 32.36 -4.60
C GLU C 92 -26.46 31.14 -5.49
N GLU C 93 -25.22 31.10 -5.97
CA GLU C 93 -24.70 30.00 -6.83
C GLU C 93 -23.61 29.21 -6.14
N TYR C 94 -23.69 27.86 -6.26
CA TYR C 94 -22.66 27.02 -5.75
C TYR C 94 -22.26 26.12 -6.94
N VAL C 95 -20.99 25.78 -7.01
CA VAL C 95 -20.47 24.95 -8.12
C VAL C 95 -20.11 23.58 -7.49
N LEU C 96 -20.85 22.56 -7.93
CA LEU C 96 -20.60 21.22 -7.45
C LEU C 96 -19.61 20.57 -8.43
N ASP C 97 -18.36 20.48 -8.00
CA ASP C 97 -17.26 20.17 -8.88
C ASP C 97 -16.42 19.02 -8.37
N SER C 98 -16.88 18.34 -7.32
CA SER C 98 -16.19 17.20 -6.75
CA SER C 98 -16.16 17.26 -6.66
C SER C 98 -17.17 16.35 -5.97
N ILE C 99 -16.88 15.04 -5.95
CA ILE C 99 -17.77 14.09 -5.38
C ILE C 99 -17.94 14.17 -3.88
N ASP C 100 -17.06 14.93 -3.21
CA ASP C 100 -17.16 15.13 -1.77
C ASP C 100 -17.96 16.37 -1.36
N LYS C 101 -18.54 17.05 -2.32
CA LYS C 101 -19.32 18.28 -2.05
C LYS C 101 -20.81 17.98 -2.18
N GLY C 102 -21.62 18.28 -1.17
CA GLY C 102 -23.05 18.20 -1.30
C GLY C 102 -23.73 19.48 -0.88
N ILE C 103 -24.97 19.59 -1.33
CA ILE C 103 -25.83 20.73 -0.97
C ILE C 103 -27.22 20.24 -0.64
N TYR C 104 -27.72 20.74 0.50
CA TYR C 104 -29.07 20.42 0.96
C TYR C 104 -30.05 21.51 0.59
N LEU C 105 -31.11 21.14 -0.12
CA LEU C 105 -32.19 22.04 -0.51
C LEU C 105 -33.44 21.73 0.34
N PRO C 106 -33.72 22.54 1.37
CA PRO C 106 -34.98 22.29 2.09
C PRO C 106 -36.20 22.55 1.19
N PRO C 107 -37.39 22.04 1.59
CA PRO C 107 -38.60 22.44 0.92
C PRO C 107 -38.74 23.95 0.73
N MET C 108 -39.32 24.34 -0.39
CA MET C 108 -39.63 25.77 -0.69
C MET C 108 -38.35 26.53 -0.99
N THR C 109 -37.38 25.79 -1.54
CA THR C 109 -36.19 26.33 -2.14
C THR C 109 -36.30 26.27 -3.68
N TRP C 110 -36.34 27.45 -4.31
CA TRP C 110 -36.36 27.53 -5.74
C TRP C 110 -34.94 27.19 -6.21
N GLY C 111 -34.85 26.22 -7.12
CA GLY C 111 -33.54 25.66 -7.49
C GLY C 111 -33.40 25.69 -9.01
N VAL C 112 -32.20 25.99 -9.48
CA VAL C 112 -31.78 25.89 -10.90
C VAL C 112 -30.47 25.10 -10.98
N GLN C 113 -30.33 24.23 -12.00
CA GLN C 113 -29.03 23.57 -12.25
C GLN C 113 -28.66 23.84 -13.68
N TYR C 114 -27.43 24.31 -13.89
CA TYR C 114 -26.96 24.77 -15.18
C TYR C 114 -25.44 24.68 -15.29
N LYS C 115 -24.87 24.99 -16.45
CA LYS C 115 -23.43 24.94 -16.69
C LYS C 115 -22.89 23.51 -16.40
N TYR C 116 -23.67 22.53 -16.80
CA TYR C 116 -23.27 21.10 -16.74
C TYR C 116 -22.09 20.88 -17.66
N SER C 117 -21.02 20.26 -17.17
CA SER C 117 -19.90 19.85 -18.02
C SER C 117 -20.39 18.66 -18.85
N LYS C 118 -19.69 18.37 -19.95
CA LYS C 118 -20.17 17.36 -20.89
C LYS C 118 -20.43 15.95 -20.28
N ASP C 119 -19.55 15.56 -19.39
CA ASP C 119 -19.48 14.30 -18.69
CA ASP C 119 -19.78 14.23 -18.83
C ASP C 119 -20.24 14.30 -17.36
N ALA C 120 -20.77 15.47 -16.96
CA ALA C 120 -21.35 15.60 -15.63
C ALA C 120 -22.50 14.67 -15.34
N VAL C 121 -22.54 14.19 -14.10
CA VAL C 121 -23.63 13.40 -13.58
C VAL C 121 -24.04 13.97 -12.24
N LEU C 122 -25.27 14.44 -12.15
CA LEU C 122 -25.80 14.98 -10.89
C LEU C 122 -26.62 13.91 -10.23
N LEU C 123 -26.30 13.61 -8.98
CA LEU C 123 -27.05 12.66 -8.20
C LEU C 123 -27.89 13.44 -7.24
N VAL C 124 -29.18 13.09 -7.17
CA VAL C 124 -30.08 13.74 -6.21
C VAL C 124 -30.75 12.74 -5.31
N PHE C 125 -30.66 12.92 -3.99
CA PHE C 125 -31.46 12.15 -3.05
C PHE C 125 -32.68 12.98 -2.63
N ALA C 126 -33.84 12.33 -2.58
CA ALA C 126 -35.07 13.03 -2.27
C ALA C 126 -35.82 12.35 -1.12
N SER C 127 -36.50 13.14 -0.31
CA SER C 127 -37.12 12.62 0.88
C SER C 127 -38.49 12.00 0.62
N HIS C 128 -39.07 12.34 -0.53
CA HIS C 128 -40.43 11.95 -0.89
C HIS C 128 -40.41 11.18 -2.20
N TYR C 129 -41.36 10.24 -2.34
CA TYR C 129 -41.61 9.61 -3.65
C TYR C 129 -42.01 10.62 -4.70
N TYR C 130 -41.81 10.34 -5.98
CA TYR C 130 -42.20 11.32 -7.00
C TYR C 130 -43.67 11.70 -6.83
N ASP C 131 -43.96 13.00 -6.92
CA ASP C 131 -45.33 13.52 -6.81
C ASP C 131 -45.46 14.82 -7.58
N SER C 132 -45.93 14.78 -8.83
CA SER C 132 -45.86 15.99 -9.64
C SER C 132 -46.83 17.12 -9.21
N ASP C 133 -47.65 16.90 -8.16
CA ASP C 133 -48.32 17.97 -7.44
C ASP C 133 -47.45 18.69 -6.37
N ASP C 134 -46.23 18.20 -6.10
CA ASP C 134 -45.40 18.85 -5.07
C ASP C 134 -44.64 20.04 -5.68
N TYR C 135 -44.66 20.16 -7.00
CA TYR C 135 -43.87 21.20 -7.70
C TYR C 135 -44.57 22.56 -7.65
N ILE C 136 -43.82 23.63 -7.39
CA ILE C 136 -44.23 25.00 -7.69
C ILE C 136 -43.40 25.48 -8.87
N ARG C 137 -44.06 25.77 -9.99
CA ARG C 137 -43.35 26.13 -11.23
C ARG C 137 -43.50 27.58 -11.65
N ASP C 138 -44.19 28.37 -10.85
CA ASP C 138 -44.40 29.76 -11.18
C ASP C 138 -43.70 30.63 -10.15
N TYR C 139 -42.74 31.45 -10.58
CA TYR C 139 -41.87 32.14 -9.65
C TYR C 139 -42.60 33.20 -8.85
N SER C 140 -43.56 33.88 -9.49
CA SER C 140 -44.35 34.85 -8.73
C SER C 140 -45.13 34.19 -7.59
N THR C 141 -45.73 33.02 -7.84
CA THR C 141 -46.49 32.29 -6.84
C THR C 141 -45.56 31.84 -5.71
N PHE C 142 -44.41 31.32 -6.12
CA PHE C 142 -43.37 30.97 -5.18
C PHE C 142 -43.05 32.13 -4.23
N LYS C 143 -42.85 33.33 -4.77
CA LYS C 143 -42.39 34.44 -3.95
C LYS C 143 -43.53 34.82 -2.98
N GLN C 144 -44.76 34.63 -3.43
CA GLN C 144 -45.89 35.00 -2.60
C GLN C 144 -46.10 33.96 -1.51
N MET C 145 -45.92 32.69 -1.82
CA MET C 145 -45.92 31.69 -0.77
C MET C 145 -44.86 31.98 0.30
N ARG C 146 -43.77 32.67 -0.05
CA ARG C 146 -42.75 33.12 0.93
C ARG C 146 -42.71 34.65 1.04
N ASN D 5 -28.36 -9.73 -22.41
CA ASN D 5 -29.04 -10.73 -21.54
C ASN D 5 -29.57 -10.14 -20.21
N ASN D 6 -28.69 -9.93 -19.23
CA ASN D 6 -29.07 -9.96 -17.81
C ASN D 6 -29.97 -8.89 -17.15
N PHE D 7 -30.08 -7.72 -17.79
CA PHE D 7 -30.86 -6.58 -17.25
C PHE D 7 -31.92 -6.11 -18.28
N GLU D 8 -32.50 -7.08 -18.99
CA GLU D 8 -33.55 -6.83 -20.01
C GLU D 8 -34.80 -6.21 -19.40
N LEU D 9 -35.21 -6.80 -18.30
CA LEU D 9 -36.49 -6.51 -17.65
C LEU D 9 -36.28 -5.60 -16.46
N LYS D 10 -37.40 -5.08 -15.98
CA LYS D 10 -37.41 -4.23 -14.81
C LYS D 10 -36.83 -4.93 -13.59
N LEU D 11 -37.15 -6.21 -13.43
CA LEU D 11 -36.72 -7.01 -12.29
C LEU D 11 -36.42 -8.44 -12.74
N GLN D 12 -35.22 -8.92 -12.41
CA GLN D 12 -34.84 -10.33 -12.63
C GLN D 12 -34.06 -10.93 -11.45
N MET D 13 -34.33 -12.19 -11.15
CA MET D 13 -33.63 -12.89 -10.06
C MET D 13 -32.45 -13.71 -10.53
N SER D 14 -31.36 -13.61 -9.78
CA SER D 14 -30.19 -14.38 -10.00
C SER D 14 -30.37 -15.80 -9.44
N LYS D 15 -29.62 -16.73 -10.03
CA LYS D 15 -29.33 -18.02 -9.41
C LYS D 15 -28.60 -17.87 -8.08
N VAL D 16 -27.85 -16.79 -7.91
CA VAL D 16 -27.20 -16.52 -6.63
C VAL D 16 -28.29 -16.02 -5.71
N LYS D 17 -28.37 -16.65 -4.55
CA LYS D 17 -29.53 -16.61 -3.70
C LYS D 17 -29.88 -15.18 -3.30
N GLY D 18 -31.12 -14.80 -3.59
CA GLY D 18 -31.63 -13.49 -3.21
C GLY D 18 -31.17 -12.31 -4.06
N VAL D 19 -30.11 -12.48 -4.87
CA VAL D 19 -29.59 -11.37 -5.67
C VAL D 19 -30.58 -11.04 -6.77
N SER D 20 -30.90 -9.77 -6.91
CA SER D 20 -31.68 -9.32 -8.03
C SER D 20 -31.03 -8.25 -8.90
N LEU D 21 -31.45 -8.26 -10.16
CA LEU D 21 -30.98 -7.35 -11.18
C LEU D 21 -32.09 -6.44 -11.67
N HIS D 22 -31.81 -5.14 -11.81
CA HIS D 22 -32.86 -4.12 -11.88
C HIS D 22 -32.54 -3.26 -13.10
N LYS D 23 -33.57 -2.89 -13.86
CA LYS D 23 -33.47 -1.84 -14.90
C LYS D 23 -34.36 -0.67 -14.43
N PHE D 24 -33.74 0.50 -14.28
CA PHE D 24 -34.45 1.69 -13.83
C PHE D 24 -35.02 2.49 -14.98
N HIS D 25 -36.09 3.20 -14.62
CA HIS D 25 -36.75 4.14 -15.50
C HIS D 25 -35.75 5.15 -16.02
N LEU D 26 -35.68 5.30 -17.34
CA LEU D 26 -34.79 6.21 -18.03
C LEU D 26 -35.61 7.13 -18.94
N VAL D 27 -35.25 8.40 -18.99
CA VAL D 27 -35.89 9.38 -19.88
C VAL D 27 -34.70 9.98 -20.64
N ASN D 28 -34.69 9.82 -21.97
CA ASN D 28 -33.70 10.44 -22.83
C ASN D 28 -34.37 11.58 -23.59
N ASP D 29 -33.84 12.79 -23.54
CA ASP D 29 -34.30 13.80 -24.49
C ASP D 29 -33.25 14.84 -24.83
N LEU D 30 -33.64 15.83 -25.62
CA LEU D 30 -32.69 16.82 -26.14
C LEU D 30 -32.08 17.66 -24.99
N ARG D 31 -32.80 17.74 -23.88
CA ARG D 31 -32.39 18.64 -22.79
C ARG D 31 -31.52 17.93 -21.75
N GLY D 32 -31.26 16.64 -21.96
CA GLY D 32 -30.52 15.82 -21.01
C GLY D 32 -31.18 14.46 -20.86
N ASN D 33 -30.73 13.72 -19.85
CA ASN D 33 -31.22 12.36 -19.57
C ASN D 33 -31.40 12.25 -18.05
N LEU D 34 -32.42 11.50 -17.66
CA LEU D 34 -32.79 11.35 -16.25
C LEU D 34 -33.02 9.86 -15.98
N SER D 35 -32.46 9.32 -14.89
CA SER D 35 -32.82 7.97 -14.42
C SER D 35 -33.21 8.06 -12.96
N VAL D 36 -34.16 7.24 -12.54
CA VAL D 36 -34.75 7.37 -11.22
C VAL D 36 -34.98 5.99 -10.60
N GLY D 37 -34.71 5.86 -9.31
CA GLY D 37 -35.14 4.70 -8.54
C GLY D 37 -35.73 5.07 -7.21
N GLU D 38 -36.63 4.22 -6.72
CA GLU D 38 -37.33 4.50 -5.47
C GLU D 38 -37.04 3.42 -4.46
N PHE D 39 -36.74 3.86 -3.24
CA PHE D 39 -36.43 2.94 -2.16
C PHE D 39 -37.68 2.27 -1.58
N GLU D 40 -37.54 0.99 -1.25
CA GLU D 40 -38.68 0.16 -0.88
C GLU D 40 -39.75 0.01 -1.96
N LYS D 41 -39.37 0.24 -3.20
CA LYS D 41 -40.14 -0.02 -4.41
C LYS D 41 -39.23 -0.80 -5.34
N ASP D 42 -38.35 -0.09 -6.06
CA ASP D 42 -37.44 -0.70 -7.03
C ASP D 42 -36.27 -1.32 -6.29
N ILE D 43 -35.77 -0.60 -5.30
CA ILE D 43 -34.65 -1.01 -4.48
C ILE D 43 -35.25 -1.49 -3.17
N PRO D 44 -34.88 -2.69 -2.75
CA PRO D 44 -35.78 -3.28 -1.75
C PRO D 44 -35.47 -2.90 -0.29
N PHE D 45 -34.77 -1.80 -0.07
CA PHE D 45 -34.60 -1.29 1.28
C PHE D 45 -34.43 0.23 1.22
N THR D 46 -34.44 0.80 2.41
CA THR D 46 -34.14 2.19 2.62
C THR D 46 -32.69 2.32 3.12
N PRO D 47 -31.89 3.15 2.42
CA PRO D 47 -30.51 3.29 2.88
C PRO D 47 -30.29 4.17 4.12
N LYS D 48 -29.31 3.80 4.91
CA LYS D 48 -28.83 4.70 5.98
C LYS D 48 -27.45 5.27 5.62
N ARG D 49 -26.85 4.77 4.55
CA ARG D 49 -25.49 5.10 4.15
C ARG D 49 -25.35 5.02 2.65
N TYR D 50 -24.51 5.88 2.07
CA TYR D 50 -24.07 5.69 0.67
C TYR D 50 -22.57 5.87 0.61
N PHE D 51 -21.97 5.32 -0.42
CA PHE D 51 -20.58 5.61 -0.74
C PHE D 51 -20.31 5.51 -2.24
N THR D 52 -19.20 6.13 -2.64
CA THR D 52 -18.87 6.21 -4.07
C THR D 52 -17.44 5.76 -4.21
N VAL D 53 -17.18 4.81 -5.13
CA VAL D 53 -15.84 4.33 -5.41
C VAL D 53 -15.50 4.78 -6.81
N PHE D 54 -14.33 5.38 -6.99
CA PHE D 54 -13.90 5.86 -8.28
C PHE D 54 -12.40 5.89 -8.43
N GLY D 55 -11.91 6.09 -9.65
CA GLY D 55 -10.48 6.22 -9.82
C GLY D 55 -9.75 4.90 -9.64
N VAL D 56 -10.41 3.78 -9.94
CA VAL D 56 -9.85 2.46 -9.73
C VAL D 56 -9.14 2.00 -11.05
N PRO D 57 -7.89 1.59 -10.92
CA PRO D 57 -7.06 1.11 -12.04
C PRO D 57 -7.65 -0.15 -12.60
N ASN D 58 -7.42 -0.43 -13.86
CA ASN D 58 -8.14 -1.54 -14.45
C ASN D 58 -7.76 -2.93 -13.91
N LYS D 59 -6.56 -3.07 -13.36
CA LYS D 59 -6.10 -4.32 -12.72
C LYS D 59 -6.64 -4.63 -11.31
N GLU D 60 -7.28 -3.66 -10.64
CA GLU D 60 -7.60 -3.85 -9.24
C GLU D 60 -8.90 -4.63 -9.10
N VAL D 61 -8.92 -5.33 -8.00
CA VAL D 61 -10.06 -6.10 -7.58
C VAL D 61 -10.36 -5.58 -6.16
N ARG D 62 -11.61 -5.17 -5.95
CA ARG D 62 -12.00 -4.41 -4.76
C ARG D 62 -13.21 -5.10 -4.15
N GLY D 63 -13.59 -4.70 -2.93
CA GLY D 63 -14.67 -5.42 -2.25
C GLY D 63 -14.08 -6.64 -1.57
N GLU D 64 -14.47 -7.82 -1.99
CA GLU D 64 -14.09 -8.99 -1.31
C GLU D 64 -14.52 -8.95 0.14
N HIS D 65 -15.83 -9.01 0.31
CA HIS D 65 -16.38 -9.20 1.62
C HIS D 65 -17.82 -9.67 1.52
N ALA D 66 -18.37 -10.15 2.65
CA ALA D 66 -19.77 -10.19 2.83
C ALA D 66 -20.23 -9.48 4.12
N HIS D 67 -21.52 -9.24 4.23
CA HIS D 67 -22.12 -8.64 5.44
C HIS D 67 -23.07 -9.59 6.11
N LYS D 68 -23.02 -9.60 7.45
CA LYS D 68 -23.96 -10.37 8.27
C LYS D 68 -25.37 -9.81 8.15
N GLU D 69 -25.56 -8.51 8.32
CA GLU D 69 -26.86 -7.88 8.24
C GLU D 69 -27.05 -6.81 7.17
N CYS D 70 -25.98 -6.09 6.79
CA CYS D 70 -26.12 -4.93 5.95
C CYS D 70 -26.46 -5.33 4.53
N LYS D 71 -27.53 -4.76 4.03
CA LYS D 71 -27.91 -4.83 2.65
C LYS D 71 -27.17 -3.82 1.75
N GLN D 72 -26.92 -4.23 0.51
CA GLN D 72 -26.28 -3.33 -0.45
C GLN D 72 -26.97 -3.27 -1.78
N PHE D 73 -26.82 -2.12 -2.43
CA PHE D 73 -27.34 -1.89 -3.78
C PHE D 73 -26.32 -1.09 -4.55
N LEU D 74 -25.96 -1.65 -5.70
CA LEU D 74 -24.87 -1.14 -6.54
C LEU D 74 -25.34 -0.65 -7.88
N ILE D 75 -24.88 0.55 -8.23
CA ILE D 75 -25.13 1.21 -9.49
C ILE D 75 -23.86 1.83 -10.02
N CYS D 76 -23.48 1.50 -11.25
CA CYS D 76 -22.29 2.13 -11.84
C CYS D 76 -22.75 3.37 -12.61
N VAL D 77 -22.63 4.56 -12.02
CA VAL D 77 -23.31 5.75 -12.55
C VAL D 77 -22.49 6.48 -13.63
N SER D 78 -21.26 6.07 -13.82
CA SER D 78 -20.42 6.50 -14.91
C SER D 78 -19.55 5.32 -15.29
N GLY D 79 -19.38 5.12 -16.58
CA GLY D 79 -18.49 4.06 -17.09
C GLY D 79 -19.07 2.67 -16.79
N ASN D 80 -18.17 1.79 -16.44
CA ASN D 80 -18.55 0.41 -16.16
C ASN D 80 -17.60 -0.32 -15.22
N CYS D 81 -18.15 -1.35 -14.57
CA CYS D 81 -17.36 -2.29 -13.80
C CYS D 81 -18.06 -3.62 -13.80
N SER D 82 -17.35 -4.63 -13.31
CA SER D 82 -17.94 -5.92 -13.16
C SER D 82 -18.04 -6.31 -11.69
N VAL D 83 -19.08 -7.06 -11.42
CA VAL D 83 -19.32 -7.55 -10.07
CA VAL D 83 -19.44 -7.51 -10.07
C VAL D 83 -19.59 -9.05 -10.08
N LEU D 84 -18.86 -9.74 -9.20
CA LEU D 84 -19.11 -11.19 -8.91
C LEU D 84 -19.81 -11.26 -7.60
N VAL D 85 -20.98 -11.91 -7.62
CA VAL D 85 -21.76 -12.23 -6.41
C VAL D 85 -21.73 -13.76 -6.13
N ASP D 86 -21.62 -14.12 -4.85
CA ASP D 86 -21.38 -15.52 -4.41
C ASP D 86 -22.22 -15.78 -3.17
N ASP D 87 -23.13 -16.77 -3.21
CA ASP D 87 -23.91 -17.17 -2.03
C ASP D 87 -23.28 -18.30 -1.24
N GLY D 88 -22.03 -18.67 -1.59
CA GLY D 88 -21.31 -19.72 -0.93
C GLY D 88 -21.31 -20.97 -1.78
N GLU D 89 -22.35 -21.18 -2.55
CA GLU D 89 -22.37 -22.32 -3.51
C GLU D 89 -22.36 -21.90 -4.94
N ASN D 90 -23.17 -20.88 -5.25
CA ASN D 90 -23.33 -20.39 -6.60
C ASN D 90 -22.74 -19.00 -6.68
N ARG D 91 -22.13 -18.72 -7.81
CA ARG D 91 -21.60 -17.39 -8.08
C ARG D 91 -21.80 -17.03 -9.51
N GLU D 92 -21.93 -15.73 -9.76
CA GLU D 92 -22.23 -15.23 -11.09
C GLU D 92 -21.61 -13.83 -11.26
N GLU D 93 -21.06 -13.59 -12.44
CA GLU D 93 -20.54 -12.27 -12.85
C GLU D 93 -21.55 -11.42 -13.64
N TYR D 94 -21.71 -10.14 -13.28
CA TYR D 94 -22.57 -9.21 -13.97
C TYR D 94 -21.77 -7.96 -14.34
N VAL D 95 -22.11 -7.35 -15.47
CA VAL D 95 -21.45 -6.10 -15.88
C VAL D 95 -22.38 -4.88 -15.71
N LEU D 96 -21.98 -3.97 -14.81
CA LEU D 96 -22.68 -2.72 -14.64
C LEU D 96 -22.09 -1.69 -15.59
N ASP D 97 -22.75 -1.49 -16.72
CA ASP D 97 -22.16 -0.63 -17.74
C ASP D 97 -23.12 0.47 -18.15
N SER D 98 -24.16 0.70 -17.36
CA SER D 98 -25.09 1.76 -17.70
C SER D 98 -25.74 2.24 -16.42
N ILE D 99 -26.14 3.52 -16.38
CA ILE D 99 -26.63 4.14 -15.13
C ILE D 99 -28.02 3.68 -14.72
N ASP D 100 -28.73 3.01 -15.64
CA ASP D 100 -30.03 2.43 -15.37
C ASP D 100 -29.96 0.95 -14.95
N LYS D 101 -28.77 0.40 -14.76
CA LYS D 101 -28.63 -1.00 -14.27
C LYS D 101 -28.24 -1.00 -12.81
N GLY D 102 -28.93 -1.82 -12.02
CA GLY D 102 -28.60 -1.95 -10.59
C GLY D 102 -28.61 -3.39 -10.12
N ILE D 103 -27.80 -3.67 -9.11
CA ILE D 103 -27.74 -5.01 -8.49
C ILE D 103 -27.90 -4.95 -6.98
N TYR D 104 -28.80 -5.81 -6.48
CA TYR D 104 -29.10 -5.95 -5.06
C TYR D 104 -28.30 -7.09 -4.45
N LEU D 105 -27.54 -6.81 -3.37
CA LEU D 105 -26.80 -7.83 -2.62
C LEU D 105 -27.43 -7.97 -1.26
N PRO D 106 -28.20 -9.04 -1.06
CA PRO D 106 -28.72 -9.26 0.27
C PRO D 106 -27.63 -9.62 1.23
N PRO D 107 -27.96 -9.62 2.51
CA PRO D 107 -26.95 -9.97 3.49
C PRO D 107 -26.39 -11.38 3.23
N MET D 108 -25.15 -11.65 3.66
CA MET D 108 -24.47 -12.92 3.41
C MET D 108 -24.26 -13.25 1.92
N THR D 109 -24.05 -12.20 1.13
CA THR D 109 -23.61 -12.32 -0.28
C THR D 109 -22.18 -11.82 -0.35
N TRP D 110 -21.25 -12.69 -0.79
CA TRP D 110 -19.88 -12.33 -0.96
C TRP D 110 -19.81 -11.60 -2.31
N GLY D 111 -19.24 -10.39 -2.29
CA GLY D 111 -19.13 -9.61 -3.45
C GLY D 111 -17.73 -9.16 -3.72
N VAL D 112 -17.49 -8.95 -5.02
CA VAL D 112 -16.19 -8.52 -5.55
C VAL D 112 -16.55 -7.61 -6.73
N GLN D 113 -15.83 -6.51 -6.84
CA GLN D 113 -15.91 -5.66 -8.03
C GLN D 113 -14.56 -5.54 -8.70
N TYR D 114 -14.56 -5.51 -10.02
CA TYR D 114 -13.32 -5.49 -10.78
C TYR D 114 -13.55 -5.01 -12.22
N LYS D 115 -12.47 -4.95 -12.97
CA LYS D 115 -12.52 -4.50 -14.35
C LYS D 115 -13.19 -3.12 -14.40
N TYR D 116 -12.89 -2.26 -13.44
CA TYR D 116 -13.38 -0.89 -13.57
C TYR D 116 -12.73 -0.19 -14.80
N SER D 117 -13.55 0.59 -15.48
CA SER D 117 -13.10 1.56 -16.50
C SER D 117 -12.52 2.76 -15.86
N LYS D 118 -11.74 3.50 -16.64
CA LYS D 118 -10.98 4.60 -16.10
C LYS D 118 -11.89 5.66 -15.48
N ASP D 119 -13.04 5.90 -16.10
CA ASP D 119 -14.01 6.90 -15.69
C ASP D 119 -15.12 6.36 -14.77
N ALA D 120 -15.07 5.07 -14.44
CA ALA D 120 -16.17 4.49 -13.70
C ALA D 120 -16.32 5.08 -12.30
N VAL D 121 -17.57 5.21 -11.91
CA VAL D 121 -17.98 5.59 -10.57
C VAL D 121 -19.05 4.62 -10.12
N LEU D 122 -18.76 3.90 -9.04
CA LEU D 122 -19.74 3.01 -8.43
C LEU D 122 -20.37 3.65 -7.20
N LEU D 123 -21.67 3.74 -7.28
CA LEU D 123 -22.50 4.22 -6.18
C LEU D 123 -23.02 3.01 -5.45
N VAL D 124 -22.88 3.04 -4.12
CA VAL D 124 -23.39 1.97 -3.30
C VAL D 124 -24.33 2.53 -2.26
N PHE D 125 -25.54 1.97 -2.18
CA PHE D 125 -26.49 2.27 -1.07
C PHE D 125 -26.42 1.15 -0.06
N ALA D 126 -26.39 1.47 1.24
CA ALA D 126 -26.28 0.52 2.29
C ALA D 126 -27.40 0.71 3.34
N SER D 127 -27.99 -0.38 3.85
CA SER D 127 -29.13 -0.29 4.80
C SER D 127 -28.71 0.13 6.19
N HIS D 128 -27.44 0.00 6.51
CA HIS D 128 -26.94 0.23 7.89
C HIS D 128 -25.82 1.25 7.88
N TYR D 129 -25.72 1.99 8.95
CA TYR D 129 -24.54 2.79 9.18
C TYR D 129 -23.32 1.86 9.26
N TYR D 130 -22.15 2.45 8.98
CA TYR D 130 -20.90 1.70 9.02
C TYR D 130 -20.64 1.01 10.33
N ASP D 131 -20.37 -0.29 10.25
CA ASP D 131 -20.01 -1.12 11.41
C ASP D 131 -19.01 -2.20 11.09
N SER D 132 -17.78 -2.12 11.59
CA SER D 132 -16.69 -3.08 11.26
C SER D 132 -17.17 -4.52 11.60
N ASP D 133 -17.96 -4.64 12.65
CA ASP D 133 -18.40 -5.94 13.14
C ASP D 133 -19.29 -6.72 12.19
N ASP D 134 -19.89 -6.03 11.24
CA ASP D 134 -20.82 -6.64 10.31
C ASP D 134 -20.12 -7.32 9.14
N TYR D 135 -18.84 -7.10 8.97
CA TYR D 135 -18.09 -7.63 7.80
C TYR D 135 -17.61 -9.04 8.05
N ILE D 136 -17.69 -9.89 7.02
CA ILE D 136 -17.00 -11.18 6.97
C ILE D 136 -15.95 -11.02 5.88
N ARG D 137 -14.67 -11.19 6.22
CA ARG D 137 -13.59 -10.80 5.31
C ARG D 137 -12.74 -12.03 4.95
N ASP D 138 -13.05 -13.17 5.54
CA ASP D 138 -12.36 -14.42 5.21
C ASP D 138 -13.32 -15.30 4.42
N TYR D 139 -12.89 -15.66 3.22
CA TYR D 139 -13.79 -16.38 2.33
C TYR D 139 -14.13 -17.74 2.87
N SER D 140 -13.15 -18.50 3.40
CA SER D 140 -13.50 -19.83 3.96
C SER D 140 -14.51 -19.69 5.12
N THR D 141 -14.32 -18.67 5.95
CA THR D 141 -15.25 -18.47 7.05
C THR D 141 -16.66 -18.21 6.52
N PHE D 142 -16.78 -17.32 5.55
CA PHE D 142 -18.05 -17.10 4.89
C PHE D 142 -18.71 -18.40 4.42
N LYS D 143 -17.91 -19.21 3.71
CA LYS D 143 -18.40 -20.48 3.18
C LYS D 143 -18.96 -21.35 4.27
N GLN D 144 -18.21 -21.41 5.36
CA GLN D 144 -18.63 -22.24 6.51
C GLN D 144 -19.94 -21.74 7.09
N MET D 145 -20.08 -20.43 7.24
CA MET D 145 -21.31 -19.85 7.76
CA MET D 145 -21.32 -19.86 7.75
C MET D 145 -22.50 -20.21 6.88
N ARG D 146 -22.33 -20.17 5.56
CA ARG D 146 -23.44 -20.46 4.66
C ARG D 146 -24.01 -21.88 4.69
N GLN D 147 -23.27 -22.85 5.22
CA GLN D 147 -23.92 -24.12 5.61
C GLN D 147 -23.40 -24.63 6.95
N SER E 4 35.40 -12.80 -9.64
CA SER E 4 34.75 -11.47 -9.84
C SER E 4 33.26 -11.65 -10.09
N ASN E 5 32.81 -11.88 -11.32
CA ASN E 5 31.38 -12.16 -11.46
C ASN E 5 31.17 -13.49 -12.14
N ASN E 6 31.08 -14.52 -11.30
CA ASN E 6 30.98 -15.91 -11.77
C ASN E 6 29.61 -16.19 -12.41
N PHE E 7 28.64 -15.31 -12.18
CA PHE E 7 27.28 -15.46 -12.71
C PHE E 7 26.88 -14.31 -13.67
N GLU E 8 27.89 -13.74 -14.30
CA GLU E 8 27.71 -12.56 -15.18
C GLU E 8 26.77 -12.84 -16.35
N LEU E 9 26.98 -13.95 -17.02
CA LEU E 9 26.25 -14.27 -18.25
C LEU E 9 25.15 -15.28 -17.94
N LYS E 10 24.24 -15.44 -18.88
CA LYS E 10 23.24 -16.48 -18.73
C LYS E 10 23.77 -17.89 -18.40
N LEU E 11 24.83 -18.28 -19.11
CA LEU E 11 25.51 -19.55 -18.91
C LEU E 11 27.03 -19.36 -19.08
N GLN E 12 27.81 -20.01 -18.22
CA GLN E 12 29.25 -20.09 -18.28
C GLN E 12 29.73 -21.35 -17.57
N MET E 13 30.84 -21.91 -18.03
CA MET E 13 31.44 -23.09 -17.38
C MET E 13 32.41 -22.69 -16.27
N SER E 14 32.42 -23.46 -15.20
CA SER E 14 33.44 -23.49 -14.16
C SER E 14 34.73 -24.10 -14.69
N LYS E 15 35.85 -23.83 -14.02
CA LYS E 15 37.06 -24.64 -14.24
C LYS E 15 36.86 -26.08 -13.78
N VAL E 16 35.95 -26.27 -12.84
CA VAL E 16 35.61 -27.61 -12.38
C VAL E 16 34.76 -28.29 -13.43
N LYS E 17 35.26 -29.39 -13.97
CA LYS E 17 34.75 -29.91 -15.24
C LYS E 17 33.26 -30.24 -15.23
N GLY E 18 32.54 -29.64 -16.17
CA GLY E 18 31.13 -29.93 -16.35
C GLY E 18 30.19 -29.10 -15.46
N VAL E 19 30.73 -28.45 -14.43
CA VAL E 19 29.93 -27.57 -13.59
C VAL E 19 29.69 -26.24 -14.28
N SER E 20 28.41 -25.88 -14.42
CA SER E 20 27.98 -24.70 -15.14
C SER E 20 27.25 -23.79 -14.19
N LEU E 21 27.43 -22.49 -14.41
CA LEU E 21 26.83 -21.47 -13.60
C LEU E 21 25.84 -20.71 -14.46
N HIS E 22 24.67 -20.43 -13.89
CA HIS E 22 23.44 -20.01 -14.56
C HIS E 22 22.86 -18.75 -13.99
N LYS E 23 22.40 -17.85 -14.86
CA LYS E 23 21.65 -16.71 -14.45
C LYS E 23 20.29 -16.80 -15.13
N PHE E 24 19.27 -16.85 -14.29
CA PHE E 24 17.87 -16.92 -14.76
C PHE E 24 17.35 -15.54 -15.12
N HIS E 25 16.48 -15.48 -16.12
CA HIS E 25 15.82 -14.24 -16.51
C HIS E 25 14.86 -13.77 -15.40
N LEU E 26 14.99 -12.52 -15.04
CA LEU E 26 14.20 -11.88 -13.99
C LEU E 26 13.41 -10.71 -14.55
N VAL E 27 12.15 -10.60 -14.15
CA VAL E 27 11.26 -9.48 -14.45
C VAL E 27 10.90 -8.85 -13.12
N ASN E 28 11.16 -7.55 -12.99
CA ASN E 28 10.82 -6.83 -11.76
C ASN E 28 9.91 -5.68 -12.18
N ASP E 29 8.82 -5.49 -11.46
CA ASP E 29 7.95 -4.36 -11.66
C ASP E 29 7.19 -4.08 -10.38
N LEU E 30 6.24 -3.15 -10.43
CA LEU E 30 5.56 -2.68 -9.23
C LEU E 30 4.74 -3.77 -8.57
N ARG E 31 4.46 -4.84 -9.30
CA ARG E 31 3.73 -5.94 -8.72
C ARG E 31 4.64 -6.99 -8.06
N GLY E 32 5.96 -6.84 -8.16
CA GLY E 32 6.89 -7.90 -7.68
C GLY E 32 7.90 -8.41 -8.71
N ASN E 33 8.34 -9.65 -8.52
CA ASN E 33 9.45 -10.19 -9.26
C ASN E 33 9.04 -11.61 -9.69
N LEU E 34 9.54 -11.98 -10.85
CA LEU E 34 9.29 -13.32 -11.40
C LEU E 34 10.59 -13.80 -11.99
N SER E 35 11.04 -15.02 -11.62
CA SER E 35 12.18 -15.64 -12.30
C SER E 35 11.64 -16.91 -12.96
N VAL E 36 12.23 -17.24 -14.11
CA VAL E 36 11.68 -18.40 -14.84
C VAL E 36 12.83 -19.32 -15.27
N GLY E 37 12.57 -20.64 -15.35
CA GLY E 37 13.52 -21.49 -16.03
C GLY E 37 12.81 -22.67 -16.67
N GLU E 38 13.38 -23.07 -17.80
CA GLU E 38 12.88 -24.17 -18.63
C GLU E 38 13.86 -25.34 -18.52
N PHE E 39 13.31 -26.51 -18.21
CA PHE E 39 14.06 -27.73 -18.08
C PHE E 39 14.53 -28.16 -19.49
N GLU E 40 15.77 -28.59 -19.53
CA GLU E 40 16.59 -28.83 -20.77
C GLU E 40 16.96 -27.59 -21.53
N LYS E 41 16.82 -26.38 -20.92
CA LYS E 41 17.33 -25.17 -21.53
C LYS E 41 18.11 -24.41 -20.45
N ASP E 42 17.38 -23.79 -19.56
CA ASP E 42 18.02 -23.08 -18.43
C ASP E 42 18.62 -24.05 -17.43
N ILE E 43 18.05 -25.26 -17.26
CA ILE E 43 18.52 -26.26 -16.35
C ILE E 43 18.81 -27.48 -17.27
N PRO E 44 19.98 -28.13 -17.15
CA PRO E 44 20.36 -29.07 -18.26
C PRO E 44 19.74 -30.48 -18.20
N PHE E 45 18.68 -30.67 -17.44
CA PHE E 45 18.00 -31.98 -17.36
C PHE E 45 16.56 -31.80 -16.97
N THR E 46 15.76 -32.85 -17.12
CA THR E 46 14.41 -32.85 -16.61
C THR E 46 14.40 -33.65 -15.30
N PRO E 47 13.95 -33.00 -14.20
CA PRO E 47 14.06 -33.65 -12.93
C PRO E 47 13.05 -34.77 -12.70
N LYS E 48 13.46 -35.73 -11.89
CA LYS E 48 12.52 -36.67 -11.28
C LYS E 48 12.08 -36.37 -9.87
N ARG E 49 12.88 -35.50 -9.24
CA ARG E 49 12.70 -35.21 -7.84
C ARG E 49 13.13 -33.75 -7.62
N TYR E 50 12.52 -33.13 -6.62
CA TYR E 50 13.04 -31.88 -6.03
C TYR E 50 13.12 -32.11 -4.53
N PHE E 51 14.02 -31.37 -3.89
CA PHE E 51 13.97 -31.30 -2.45
C PHE E 51 14.42 -29.89 -1.99
N THR E 52 14.12 -29.53 -0.75
CA THR E 52 14.47 -28.26 -0.19
C THR E 52 15.22 -28.53 1.12
N VAL E 53 16.28 -27.78 1.33
CA VAL E 53 17.05 -27.90 2.56
C VAL E 53 16.89 -26.53 3.27
N PHE E 54 16.55 -26.55 4.55
CA PHE E 54 16.28 -25.31 5.28
C PHE E 54 16.58 -25.50 6.77
N GLY E 55 16.74 -24.39 7.48
CA GLY E 55 16.97 -24.48 8.93
C GLY E 55 18.29 -25.14 9.27
N VAL E 56 19.33 -24.85 8.48
CA VAL E 56 20.66 -25.44 8.68
C VAL E 56 21.42 -24.52 9.66
N PRO E 57 21.96 -25.09 10.73
CA PRO E 57 22.79 -24.30 11.67
C PRO E 57 24.02 -23.68 11.02
N ASN E 58 24.52 -22.53 11.48
CA ASN E 58 25.55 -21.84 10.67
C ASN E 58 26.91 -22.54 10.52
N LYS E 59 27.26 -23.38 11.48
CA LYS E 59 28.53 -24.09 11.40
C LYS E 59 28.44 -25.41 10.66
N GLU E 60 27.23 -25.81 10.25
CA GLU E 60 27.09 -27.09 9.59
C GLU E 60 27.72 -27.13 8.19
N VAL E 61 28.25 -28.29 7.88
CA VAL E 61 28.87 -28.56 6.57
C VAL E 61 28.14 -29.77 6.04
N ARG E 62 27.52 -29.69 4.84
CA ARG E 62 26.80 -30.81 4.28
C ARG E 62 27.47 -31.32 3.01
N GLY E 63 27.35 -32.60 2.74
CA GLY E 63 28.01 -33.21 1.56
C GLY E 63 29.35 -33.87 1.81
N GLU E 64 30.38 -33.42 1.08
CA GLU E 64 31.74 -34.00 1.01
C GLU E 64 31.52 -35.45 0.52
N HIS E 65 30.86 -35.56 -0.62
CA HIS E 65 30.77 -36.80 -1.37
C HIS E 65 30.32 -36.51 -2.82
N ALA E 66 30.29 -37.54 -3.64
CA ALA E 66 29.82 -37.39 -5.03
C ALA E 66 28.73 -38.42 -5.36
N HIS E 67 28.04 -38.15 -6.47
CA HIS E 67 27.07 -39.06 -7.05
C HIS E 67 27.54 -39.80 -8.25
N LYS E 68 27.16 -41.06 -8.33
CA LYS E 68 27.47 -41.86 -9.48
C LYS E 68 26.71 -41.46 -10.72
N GLU E 69 25.39 -41.26 -10.61
CA GLU E 69 24.54 -41.01 -11.69
C GLU E 69 23.60 -39.79 -11.53
N CYS E 70 23.22 -39.46 -10.28
CA CYS E 70 22.30 -38.35 -10.07
C CYS E 70 22.88 -37.00 -10.45
N LYS E 71 22.21 -36.32 -11.36
CA LYS E 71 22.50 -34.91 -11.69
C LYS E 71 21.77 -34.04 -10.70
N GLN E 72 22.40 -32.94 -10.27
CA GLN E 72 21.71 -32.04 -9.36
C GLN E 72 21.86 -30.62 -9.86
N PHE E 73 20.87 -29.81 -9.48
CA PHE E 73 20.87 -28.41 -9.83
C PHE E 73 20.42 -27.64 -8.62
N LEU E 74 21.22 -26.68 -8.21
CA LEU E 74 21.02 -25.92 -6.97
C LEU E 74 20.66 -24.46 -7.18
N ILE E 75 19.67 -23.98 -6.41
CA ILE E 75 19.22 -22.58 -6.39
C ILE E 75 18.88 -22.24 -4.93
N CYS E 76 19.57 -21.23 -4.40
CA CYS E 76 19.18 -20.78 -3.06
C CYS E 76 18.09 -19.72 -3.20
N VAL E 77 16.87 -20.05 -2.78
CA VAL E 77 15.70 -19.28 -3.10
C VAL E 77 15.42 -18.22 -2.04
N SER E 78 16.00 -18.40 -0.85
CA SER E 78 15.93 -17.39 0.21
CA SER E 78 15.92 -17.39 0.22
C SER E 78 17.28 -17.45 0.92
N GLY E 79 17.77 -16.30 1.37
CA GLY E 79 19.06 -16.27 2.05
C GLY E 79 20.21 -16.63 1.12
N ASN E 80 21.26 -17.18 1.73
CA ASN E 80 22.45 -17.58 1.00
C ASN E 80 23.12 -18.79 1.57
N CYS E 81 23.80 -19.54 0.70
CA CYS E 81 24.71 -20.57 1.09
C CYS E 81 25.85 -20.63 0.14
N SER E 82 26.89 -21.39 0.49
CA SER E 82 28.09 -21.52 -0.36
C SER E 82 28.22 -22.97 -0.78
N VAL E 83 28.74 -23.17 -1.98
CA VAL E 83 28.87 -24.49 -2.59
C VAL E 83 30.30 -24.66 -3.03
N LEU E 84 30.91 -25.78 -2.64
CA LEU E 84 32.23 -26.17 -3.11
C LEU E 84 32.07 -27.34 -4.04
N VAL E 85 32.78 -27.26 -5.15
CA VAL E 85 32.75 -28.34 -6.10
C VAL E 85 34.14 -28.73 -6.51
N ASP E 86 34.31 -30.03 -6.76
CA ASP E 86 35.64 -30.61 -6.94
C ASP E 86 35.47 -31.75 -7.96
N ASP E 87 36.28 -31.73 -9.01
CA ASP E 87 36.32 -32.77 -10.01
C ASP E 87 37.52 -33.72 -9.88
N GLY E 88 38.25 -33.59 -8.78
CA GLY E 88 39.42 -34.45 -8.53
C GLY E 88 40.71 -33.80 -8.94
N GLU E 89 40.64 -32.74 -9.74
CA GLU E 89 41.78 -31.90 -10.09
C GLU E 89 41.66 -30.45 -9.65
N ASN E 90 40.50 -29.85 -9.89
CA ASN E 90 40.25 -28.47 -9.48
C ASN E 90 39.05 -28.35 -8.55
N ARG E 91 39.12 -27.32 -7.73
CA ARG E 91 38.11 -27.04 -6.74
C ARG E 91 37.78 -25.56 -6.76
N GLU E 92 36.50 -25.24 -6.65
CA GLU E 92 36.06 -23.86 -6.60
C GLU E 92 34.88 -23.72 -5.65
N GLU E 93 34.74 -22.52 -5.14
CA GLU E 93 33.61 -22.13 -4.30
CA GLU E 93 33.62 -22.12 -4.31
C GLU E 93 32.75 -21.07 -5.00
N TYR E 94 31.43 -21.26 -4.91
CA TYR E 94 30.43 -20.32 -5.39
C TYR E 94 29.43 -19.95 -4.31
N VAL E 95 29.03 -18.69 -4.26
CA VAL E 95 28.03 -18.28 -3.33
C VAL E 95 26.66 -18.12 -4.03
N LEU E 96 25.69 -18.86 -3.53
CA LEU E 96 24.30 -18.75 -3.99
C LEU E 96 23.58 -17.82 -3.04
N ASP E 97 23.38 -16.61 -3.52
CA ASP E 97 22.78 -15.60 -2.66
C ASP E 97 21.64 -14.84 -3.36
N SER E 98 21.07 -15.39 -4.44
CA SER E 98 19.89 -14.80 -5.04
CA SER E 98 19.97 -14.78 -5.14
C SER E 98 19.18 -15.85 -5.87
N ILE E 99 17.89 -15.64 -6.02
CA ILE E 99 17.02 -16.61 -6.68
C ILE E 99 17.33 -16.73 -8.17
N ASP E 100 18.03 -15.78 -8.78
CA ASP E 100 18.36 -15.89 -10.19
C ASP E 100 19.67 -16.60 -10.53
N LYS E 101 20.32 -17.17 -9.51
CA LYS E 101 21.60 -17.81 -9.68
C LYS E 101 21.39 -19.31 -9.45
N GLY E 102 21.99 -20.10 -10.31
CA GLY E 102 21.93 -21.53 -10.19
C GLY E 102 23.22 -22.20 -10.55
N ILE E 103 23.45 -23.39 -10.00
CA ILE E 103 24.64 -24.16 -10.32
C ILE E 103 24.29 -25.61 -10.62
N TYR E 104 24.82 -26.09 -11.74
CA TYR E 104 24.69 -27.47 -12.14
C TYR E 104 25.85 -28.35 -11.70
N LEU E 105 25.49 -29.39 -10.98
CA LEU E 105 26.44 -30.40 -10.53
C LEU E 105 26.21 -31.67 -11.30
N PRO E 106 27.00 -31.89 -12.35
CA PRO E 106 26.88 -33.20 -13.01
C PRO E 106 27.29 -34.35 -12.10
N PRO E 107 26.88 -35.58 -12.43
CA PRO E 107 27.40 -36.73 -11.71
C PRO E 107 28.95 -36.71 -11.67
N MET E 108 29.50 -37.34 -10.66
CA MET E 108 30.92 -37.38 -10.36
C MET E 108 31.55 -36.01 -10.04
N THR E 109 30.75 -35.10 -9.46
CA THR E 109 31.18 -33.87 -8.88
C THR E 109 31.13 -34.06 -7.37
N TRP E 110 32.28 -33.90 -6.72
CA TRP E 110 32.33 -34.08 -5.27
C TRP E 110 31.93 -32.69 -4.78
N GLY E 111 30.82 -32.57 -4.05
CA GLY E 111 30.30 -31.28 -3.60
C GLY E 111 30.07 -31.17 -2.11
N VAL E 112 30.04 -29.90 -1.70
CA VAL E 112 29.74 -29.47 -0.34
C VAL E 112 28.82 -28.27 -0.41
N GLN E 113 27.90 -28.18 0.55
CA GLN E 113 27.13 -26.98 0.78
C GLN E 113 27.34 -26.60 2.23
N TYR E 114 27.67 -25.34 2.43
CA TYR E 114 27.97 -24.84 3.79
C TYR E 114 27.76 -23.36 3.90
N LYS E 115 28.08 -22.81 5.06
CA LYS E 115 27.85 -21.37 5.30
C LYS E 115 26.42 -20.95 4.99
N TYR E 116 25.44 -21.76 5.40
CA TYR E 116 24.04 -21.45 5.25
C TYR E 116 23.69 -20.28 6.16
N SER E 117 23.02 -19.26 5.63
CA SER E 117 22.39 -18.24 6.46
C SER E 117 21.20 -18.78 7.24
N LYS E 118 20.79 -18.10 8.31
CA LYS E 118 19.70 -18.58 9.16
C LYS E 118 18.40 -18.82 8.42
N ASP E 119 18.14 -17.97 7.46
CA ASP E 119 16.90 -17.95 6.68
C ASP E 119 17.06 -18.72 5.35
N ALA E 120 18.19 -19.38 5.14
CA ALA E 120 18.49 -19.95 3.80
C ALA E 120 17.52 -21.10 3.51
N VAL E 121 17.10 -21.16 2.26
CA VAL E 121 16.32 -22.31 1.77
C VAL E 121 16.98 -22.66 0.41
N LEU E 122 17.56 -23.85 0.31
CA LEU E 122 18.14 -24.38 -0.90
C LEU E 122 17.17 -25.33 -1.59
N LEU E 123 16.87 -25.01 -2.85
CA LEU E 123 16.11 -25.83 -3.73
C LEU E 123 17.08 -26.64 -4.57
N VAL E 124 16.78 -27.94 -4.67
CA VAL E 124 17.60 -28.84 -5.46
C VAL E 124 16.66 -29.60 -6.37
N PHE E 125 16.99 -29.55 -7.66
CA PHE E 125 16.37 -30.46 -8.66
C PHE E 125 17.33 -31.62 -8.89
N ALA E 126 16.77 -32.83 -9.04
CA ALA E 126 17.57 -34.02 -9.18
C ALA E 126 17.02 -34.85 -10.32
N SER E 127 17.93 -35.46 -11.07
CA SER E 127 17.54 -36.27 -12.24
C SER E 127 16.96 -37.64 -11.83
N HIS E 128 17.30 -38.13 -10.64
CA HIS E 128 16.87 -39.46 -10.16
C HIS E 128 16.12 -39.35 -8.84
N TYR E 129 15.26 -40.33 -8.55
CA TYR E 129 14.77 -40.55 -7.19
C TYR E 129 15.93 -40.90 -6.28
N TYR E 130 15.76 -40.71 -4.98
CA TYR E 130 16.78 -40.98 -4.00
C TYR E 130 17.22 -42.42 -4.13
N ASP E 131 18.52 -42.60 -4.12
CA ASP E 131 19.11 -43.93 -4.25
C ASP E 131 20.28 -43.97 -3.31
N SER E 132 20.11 -44.75 -2.25
CA SER E 132 21.17 -44.83 -1.24
C SER E 132 22.46 -45.45 -1.75
N ASP E 133 22.42 -46.18 -2.86
CA ASP E 133 23.62 -46.68 -3.53
C ASP E 133 24.28 -45.75 -4.55
N ASP E 134 23.76 -44.54 -4.67
CA ASP E 134 24.31 -43.63 -5.68
C ASP E 134 25.51 -42.77 -5.23
N TYR E 135 26.10 -43.05 -4.07
CA TYR E 135 27.14 -42.21 -3.52
C TYR E 135 28.55 -42.75 -3.66
N ILE E 136 29.49 -41.86 -3.96
CA ILE E 136 30.90 -42.15 -3.82
C ILE E 136 31.42 -41.41 -2.63
N ARG E 137 31.90 -42.13 -1.61
CA ARG E 137 32.25 -41.52 -0.32
C ARG E 137 33.71 -41.58 0.03
N ASP E 138 34.47 -42.33 -0.75
CA ASP E 138 35.91 -42.52 -0.55
C ASP E 138 36.58 -41.63 -1.59
N TYR E 139 37.32 -40.61 -1.14
CA TYR E 139 37.84 -39.62 -2.08
C TYR E 139 38.94 -40.19 -2.97
N SER E 140 39.70 -41.17 -2.45
CA SER E 140 40.71 -41.82 -3.28
C SER E 140 40.04 -42.61 -4.38
N THR E 141 38.94 -43.28 -4.10
CA THR E 141 38.19 -43.95 -5.16
C THR E 141 37.60 -42.98 -6.18
N PHE E 142 37.01 -41.90 -5.68
CA PHE E 142 36.52 -40.83 -6.53
C PHE E 142 37.60 -40.40 -7.53
N LYS E 143 38.80 -40.08 -7.05
CA LYS E 143 39.89 -39.67 -7.94
C LYS E 143 40.27 -40.76 -8.95
N GLN E 144 40.28 -42.02 -8.52
CA GLN E 144 40.64 -43.11 -9.44
C GLN E 144 39.64 -43.15 -10.60
N MET E 145 38.36 -42.95 -10.28
CA MET E 145 37.31 -42.99 -11.27
C MET E 145 37.41 -41.84 -12.26
N ARG E 146 37.77 -40.64 -11.80
CA ARG E 146 37.89 -39.48 -12.69
C ARG E 146 39.11 -39.62 -13.61
N GLN E 147 40.21 -40.18 -13.11
CA GLN E 147 41.45 -40.39 -13.89
C GLN E 147 41.50 -41.80 -14.48
N ASN F 5 -8.22 -27.51 8.95
CA ASN F 5 -8.60 -28.88 8.49
C ASN F 5 -7.92 -29.21 7.13
N ASN F 6 -7.63 -28.19 6.32
CA ASN F 6 -7.00 -28.47 5.05
C ASN F 6 -5.57 -28.91 5.50
N PHE F 7 -5.03 -29.80 4.71
CA PHE F 7 -3.70 -30.28 4.80
C PHE F 7 -3.47 -31.17 6.04
N GLU F 8 -4.54 -31.73 6.59
CA GLU F 8 -4.41 -32.70 7.67
C GLU F 8 -3.78 -34.00 7.12
N LEU F 9 -4.38 -34.45 6.03
CA LEU F 9 -3.81 -35.62 5.34
C LEU F 9 -2.70 -35.18 4.40
N LYS F 10 -1.94 -36.14 3.93
CA LYS F 10 -0.79 -35.86 3.07
C LYS F 10 -1.22 -35.74 1.60
N LEU F 11 -2.45 -36.16 1.34
CA LEU F 11 -3.03 -36.04 0.02
C LEU F 11 -4.54 -36.11 0.19
N GLN F 12 -5.25 -35.23 -0.49
CA GLN F 12 -6.68 -35.15 -0.42
C GLN F 12 -7.14 -34.33 -1.59
N MET F 13 -8.32 -34.64 -2.10
CA MET F 13 -8.93 -33.82 -3.13
C MET F 13 -9.70 -32.63 -2.58
N SER F 14 -9.61 -31.51 -3.29
CA SER F 14 -10.53 -30.36 -3.15
C SER F 14 -11.93 -30.71 -3.60
N LYS F 15 -12.92 -29.96 -3.11
CA LYS F 15 -14.23 -29.87 -3.78
C LYS F 15 -14.13 -29.30 -5.17
N VAL F 16 -13.10 -28.51 -5.44
CA VAL F 16 -12.87 -27.97 -6.77
C VAL F 16 -12.27 -29.08 -7.63
N LYS F 17 -12.95 -29.35 -8.74
CA LYS F 17 -12.67 -30.61 -9.47
C LYS F 17 -11.20 -30.84 -9.83
N GLY F 18 -10.68 -31.96 -9.38
CA GLY F 18 -9.32 -32.36 -9.71
C GLY F 18 -8.16 -31.69 -9.03
N VAL F 19 -8.46 -30.67 -8.21
CA VAL F 19 -7.44 -29.96 -7.46
C VAL F 19 -7.11 -30.89 -6.25
N SER F 20 -5.82 -31.08 -5.99
CA SER F 20 -5.36 -31.90 -4.87
C SER F 20 -4.43 -31.05 -3.99
N LEU F 21 -4.55 -31.34 -2.70
CA LEU F 21 -3.79 -30.68 -1.64
C LEU F 21 -2.83 -31.71 -1.09
N HIS F 22 -1.58 -31.31 -0.87
CA HIS F 22 -0.43 -32.19 -0.63
C HIS F 22 0.32 -31.72 0.60
N LYS F 23 0.81 -32.68 1.39
CA LYS F 23 1.86 -32.37 2.35
C LYS F 23 3.03 -33.27 2.05
N PHE F 24 4.19 -32.68 1.84
CA PHE F 24 5.40 -33.43 1.52
C PHE F 24 6.04 -33.88 2.80
N HIS F 25 6.74 -34.97 2.65
CA HIS F 25 7.53 -35.64 3.65
C HIS F 25 8.63 -34.68 4.09
N LEU F 26 8.64 -34.37 5.38
CA LEU F 26 9.74 -33.66 6.04
C LEU F 26 10.70 -34.59 6.77
N VAL F 27 11.93 -34.10 6.93
CA VAL F 27 12.95 -34.80 7.71
C VAL F 27 13.57 -33.71 8.53
N ASN F 28 13.59 -33.89 9.85
CA ASN F 28 14.08 -32.83 10.72
C ASN F 28 15.15 -33.53 11.53
N ASP F 29 16.38 -33.05 11.47
CA ASP F 29 17.39 -33.60 12.36
C ASP F 29 18.32 -32.50 12.87
N LEU F 30 19.43 -32.89 13.49
CA LEU F 30 20.25 -31.91 14.18
C LEU F 30 21.07 -31.12 13.15
N ARG F 31 21.16 -31.68 11.95
CA ARG F 31 21.88 -31.00 10.88
C ARG F 31 21.06 -30.04 9.97
N GLY F 32 19.75 -29.94 10.19
CA GLY F 32 18.89 -29.23 9.27
C GLY F 32 17.59 -29.98 8.97
N ASN F 33 16.88 -29.47 7.98
CA ASN F 33 15.55 -29.98 7.65
C ASN F 33 15.51 -30.12 6.12
N LEU F 34 14.75 -31.11 5.66
CA LEU F 34 14.61 -31.41 4.27
C LEU F 34 13.15 -31.69 3.96
N SER F 35 12.64 -31.22 2.81
CA SER F 35 11.36 -31.68 2.31
C SER F 35 11.61 -32.25 0.90
N VAL F 36 10.97 -33.33 0.48
CA VAL F 36 11.25 -33.95 -0.84
C VAL F 36 9.94 -34.32 -1.56
N GLY F 37 9.92 -34.15 -2.89
CA GLY F 37 8.82 -34.53 -3.71
C GLY F 37 9.33 -35.25 -4.95
N GLU F 38 8.57 -36.24 -5.35
CA GLU F 38 8.90 -36.98 -6.60
C GLU F 38 7.87 -36.59 -7.67
N PHE F 39 8.36 -36.27 -8.87
CA PHE F 39 7.51 -35.99 -10.00
C PHE F 39 6.93 -37.32 -10.50
N GLU F 40 5.71 -37.26 -11.00
CA GLU F 40 4.86 -38.37 -11.42
C GLU F 40 4.46 -39.34 -10.30
N LYS F 41 4.86 -39.08 -9.08
CA LYS F 41 4.39 -39.82 -7.90
C LYS F 41 3.69 -38.90 -6.90
N ASP F 42 4.42 -37.97 -6.32
CA ASP F 42 3.80 -36.93 -5.51
C ASP F 42 3.11 -35.89 -6.36
N ILE F 43 3.83 -35.30 -7.29
CA ILE F 43 3.34 -34.25 -8.16
C ILE F 43 2.95 -34.98 -9.44
N PRO F 44 1.69 -34.86 -9.89
CA PRO F 44 1.21 -35.75 -10.98
C PRO F 44 1.60 -35.42 -12.41
N PHE F 45 2.79 -34.90 -12.66
CA PHE F 45 3.24 -34.61 -13.94
C PHE F 45 4.75 -34.44 -13.89
N THR F 46 5.35 -34.53 -15.04
CA THR F 46 6.73 -34.14 -15.20
C THR F 46 6.88 -32.69 -15.71
N PRO F 47 7.72 -31.91 -15.03
CA PRO F 47 7.65 -30.51 -15.40
C PRO F 47 8.51 -30.18 -16.63
N LYS F 48 8.05 -29.20 -17.41
CA LYS F 48 8.86 -28.64 -18.49
C LYS F 48 9.47 -27.31 -18.08
N ARG F 49 8.91 -26.64 -17.05
CA ARG F 49 9.47 -25.32 -16.63
C ARG F 49 9.09 -25.13 -15.16
N TYR F 50 9.65 -24.06 -14.53
CA TYR F 50 9.28 -23.66 -13.20
C TYR F 50 9.36 -22.15 -13.20
N PHE F 51 8.72 -21.52 -12.21
CA PHE F 51 8.97 -20.14 -12.05
C PHE F 51 8.79 -19.79 -10.59
N THR F 52 9.31 -18.64 -10.20
CA THR F 52 9.24 -18.22 -8.81
C THR F 52 8.70 -16.79 -8.77
N VAL F 53 7.81 -16.55 -7.85
CA VAL F 53 7.24 -15.22 -7.68
C VAL F 53 7.70 -14.76 -6.27
N PHE F 54 8.27 -13.55 -6.20
CA PHE F 54 8.87 -13.12 -4.92
C PHE F 54 8.93 -11.59 -4.90
N GLY F 55 9.19 -11.04 -3.71
CA GLY F 55 9.28 -9.59 -3.53
C GLY F 55 8.02 -8.84 -3.86
N VAL F 56 6.88 -9.44 -3.55
CA VAL F 56 5.62 -8.89 -3.89
C VAL F 56 5.38 -7.78 -2.86
N PRO F 57 5.17 -6.55 -3.34
CA PRO F 57 5.40 -5.48 -2.34
C PRO F 57 4.19 -5.23 -1.43
N ASN F 58 3.03 -5.80 -1.76
CA ASN F 58 1.88 -5.65 -0.87
C ASN F 58 0.89 -6.80 -0.99
N LYS F 59 0.00 -6.89 0.00
CA LYS F 59 -0.97 -7.96 0.13
C LYS F 59 -2.16 -7.90 -0.82
N GLU F 60 -2.32 -6.77 -1.50
CA GLU F 60 -3.37 -6.67 -2.50
C GLU F 60 -2.96 -7.10 -3.91
N VAL F 61 -1.67 -7.24 -4.17
CA VAL F 61 -1.22 -7.72 -5.49
C VAL F 61 -1.85 -9.11 -5.68
N ARG F 62 -2.29 -9.36 -6.90
CA ARG F 62 -2.83 -10.69 -7.25
C ARG F 62 -2.58 -11.04 -8.70
N GLY F 63 -2.46 -12.33 -8.97
CA GLY F 63 -2.48 -12.88 -10.33
C GLY F 63 -3.64 -13.83 -10.43
N GLU F 64 -4.41 -13.70 -11.53
CA GLU F 64 -5.61 -14.54 -11.78
C GLU F 64 -5.52 -14.97 -13.20
N HIS F 65 -5.70 -16.26 -13.45
CA HIS F 65 -5.83 -16.75 -14.83
C HIS F 65 -6.17 -18.23 -14.75
N ALA F 66 -6.55 -18.80 -15.91
CA ALA F 66 -6.59 -20.26 -16.09
C ALA F 66 -5.70 -20.64 -17.26
N HIS F 67 -5.39 -21.93 -17.37
CA HIS F 67 -4.67 -22.51 -18.50
C HIS F 67 -5.57 -23.47 -19.25
N LYS F 68 -5.50 -23.43 -20.58
CA LYS F 68 -6.23 -24.44 -21.33
C LYS F 68 -5.67 -25.85 -21.24
N GLU F 69 -4.35 -25.98 -21.27
CA GLU F 69 -3.71 -27.28 -21.23
C GLU F 69 -2.67 -27.49 -20.12
N CYS F 70 -2.01 -26.39 -19.71
CA CYS F 70 -0.90 -26.51 -18.79
C CYS F 70 -1.36 -26.89 -17.39
N LYS F 71 -0.68 -27.83 -16.79
CA LYS F 71 -0.91 -28.23 -15.40
C LYS F 71 0.07 -27.45 -14.53
N GLN F 72 -0.32 -27.09 -13.30
CA GLN F 72 0.56 -26.31 -12.43
C GLN F 72 0.60 -27.00 -11.04
N PHE F 73 1.69 -26.79 -10.33
CA PHE F 73 1.84 -27.22 -8.95
C PHE F 73 2.56 -26.09 -8.16
N LEU F 74 1.89 -25.71 -7.07
CA LEU F 74 2.35 -24.53 -6.30
C LEU F 74 2.81 -24.89 -4.89
N ILE F 75 3.98 -24.35 -4.52
CA ILE F 75 4.58 -24.53 -3.18
C ILE F 75 5.11 -23.18 -2.74
N CYS F 76 4.65 -22.67 -1.58
CA CYS F 76 5.16 -21.42 -1.08
C CYS F 76 6.33 -21.79 -0.13
N VAL F 77 7.53 -21.64 -0.65
CA VAL F 77 8.73 -22.12 0.04
C VAL F 77 9.25 -21.24 1.14
N SER F 78 8.79 -20.00 1.15
CA SER F 78 9.06 -19.09 2.29
C SER F 78 7.84 -18.23 2.43
N GLY F 79 7.61 -17.71 3.65
CA GLY F 79 6.41 -16.91 3.89
C GLY F 79 5.12 -17.61 3.55
N ASN F 80 4.14 -16.82 3.15
CA ASN F 80 2.78 -17.33 2.94
C ASN F 80 2.11 -16.58 1.80
N CYS F 81 1.18 -17.28 1.15
CA CYS F 81 0.27 -16.68 0.16
C CYS F 81 -1.00 -17.48 0.17
N SER F 82 -2.03 -16.95 -0.47
CA SER F 82 -3.37 -17.54 -0.56
C SER F 82 -3.66 -17.87 -2.04
N VAL F 83 -4.34 -18.98 -2.20
CA VAL F 83 -4.67 -19.49 -3.50
C VAL F 83 -6.14 -19.79 -3.55
N LEU F 84 -6.85 -19.18 -4.50
CA LEU F 84 -8.23 -19.48 -4.71
C LEU F 84 -8.32 -20.25 -6.01
N VAL F 85 -9.08 -21.33 -5.95
CA VAL F 85 -9.32 -22.16 -7.14
C VAL F 85 -10.80 -22.25 -7.44
N ASP F 86 -11.13 -22.32 -8.73
CA ASP F 86 -12.55 -22.28 -9.17
C ASP F 86 -12.62 -23.13 -10.48
N ASP F 87 -13.51 -24.12 -10.47
CA ASP F 87 -13.70 -25.01 -11.63
C ASP F 87 -14.88 -24.57 -12.49
N GLY F 88 -15.48 -23.41 -12.21
CA GLY F 88 -16.73 -23.02 -12.91
C GLY F 88 -18.01 -23.26 -12.14
N GLU F 89 -18.00 -24.11 -11.12
CA GLU F 89 -19.12 -24.39 -10.27
C GLU F 89 -18.79 -24.19 -8.83
N ASN F 90 -17.58 -24.61 -8.43
CA ASN F 90 -17.11 -24.58 -7.03
C ASN F 90 -15.84 -23.76 -6.90
N ARG F 91 -15.70 -23.13 -5.73
CA ARG F 91 -14.62 -22.18 -5.49
C ARG F 91 -14.16 -22.40 -4.05
N GLU F 92 -12.86 -22.56 -3.84
CA GLU F 92 -12.29 -22.77 -2.49
C GLU F 92 -10.99 -21.98 -2.35
N GLU F 93 -10.67 -21.52 -1.13
CA GLU F 93 -9.46 -20.82 -0.86
C GLU F 93 -8.58 -21.59 0.11
N TYR F 94 -7.28 -21.61 -0.20
CA TYR F 94 -6.25 -22.32 0.61
C TYR F 94 -5.11 -21.40 0.93
N VAL F 95 -4.49 -21.58 2.09
CA VAL F 95 -3.32 -20.83 2.44
C VAL F 95 -2.11 -21.73 2.38
N LEU F 96 -1.13 -21.34 1.59
CA LEU F 96 0.17 -22.03 1.53
C LEU F 96 1.11 -21.25 2.42
N ASP F 97 1.29 -21.81 3.61
CA ASP F 97 2.09 -21.09 4.60
C ASP F 97 3.21 -21.91 5.20
N SER F 98 3.55 -23.05 4.61
CA SER F 98 4.72 -23.81 5.06
C SER F 98 5.28 -24.53 3.86
N ILE F 99 6.55 -24.83 3.93
CA ILE F 99 7.28 -25.42 2.81
C ILE F 99 6.84 -26.81 2.39
N ASP F 100 6.14 -27.49 3.29
CA ASP F 100 5.67 -28.82 2.99
C ASP F 100 4.31 -28.84 2.28
N LYS F 101 3.60 -27.73 2.17
CA LYS F 101 2.26 -27.70 1.58
C LYS F 101 2.35 -27.45 0.10
N GLY F 102 1.59 -28.23 -0.68
CA GLY F 102 1.44 -27.92 -2.07
C GLY F 102 0.04 -28.09 -2.62
N ILE F 103 -0.21 -27.47 -3.76
CA ILE F 103 -1.50 -27.60 -4.44
C ILE F 103 -1.31 -27.83 -5.92
N TYR F 104 -2.03 -28.83 -6.44
CA TYR F 104 -2.07 -29.14 -7.85
C TYR F 104 -3.29 -28.54 -8.52
N LEU F 105 -3.05 -27.87 -9.62
CA LEU F 105 -4.06 -27.25 -10.46
C LEU F 105 -4.09 -27.90 -11.87
N PRO F 106 -5.08 -28.76 -12.03
CA PRO F 106 -5.24 -29.32 -13.39
C PRO F 106 -5.56 -28.18 -14.32
N PRO F 107 -5.41 -28.43 -15.64
CA PRO F 107 -5.90 -27.42 -16.57
C PRO F 107 -7.40 -27.11 -16.41
N MET F 108 -7.74 -25.94 -16.90
CA MET F 108 -9.07 -25.35 -16.82
C MET F 108 -9.50 -25.11 -15.37
N THR F 109 -8.51 -24.87 -14.52
CA THR F 109 -8.77 -24.34 -13.19
C THR F 109 -8.43 -22.86 -13.13
N TRP F 110 -9.43 -22.03 -12.82
CA TRP F 110 -9.22 -20.60 -12.60
C TRP F 110 -8.52 -20.46 -11.25
N GLY F 111 -7.34 -19.83 -11.24
CA GLY F 111 -6.52 -19.73 -10.04
C GLY F 111 -6.28 -18.26 -9.74
N VAL F 112 -6.38 -17.87 -8.47
CA VAL F 112 -5.96 -16.57 -8.03
C VAL F 112 -4.84 -16.80 -7.01
N GLN F 113 -3.68 -16.17 -7.21
CA GLN F 113 -2.69 -16.13 -6.13
C GLN F 113 -2.63 -14.67 -5.62
N TYR F 114 -2.72 -14.54 -4.30
CA TYR F 114 -2.72 -13.18 -3.72
C TYR F 114 -2.43 -13.24 -2.23
N LYS F 115 -2.57 -12.11 -1.53
CA LYS F 115 -2.20 -12.09 -0.12
C LYS F 115 -0.82 -12.65 0.15
N TYR F 116 0.09 -12.28 -0.71
CA TYR F 116 1.51 -12.60 -0.53
C TYR F 116 2.07 -11.84 0.67
N SER F 117 2.67 -12.56 1.58
CA SER F 117 3.51 -11.91 2.64
C SER F 117 4.74 -11.25 2.04
N LYS F 118 5.38 -10.31 2.75
CA LYS F 118 6.51 -9.63 2.13
C LYS F 118 7.69 -10.56 1.82
N ASP F 119 7.83 -11.62 2.61
CA ASP F 119 8.94 -12.56 2.45
C ASP F 119 8.53 -13.80 1.63
N ALA F 120 7.33 -13.75 1.05
CA ALA F 120 6.82 -14.95 0.35
C ALA F 120 7.66 -15.21 -0.90
N VAL F 121 7.85 -16.50 -1.17
CA VAL F 121 8.55 -16.98 -2.36
C VAL F 121 7.68 -18.17 -2.79
N LEU F 122 6.98 -18.01 -3.92
CA LEU F 122 6.13 -19.07 -4.44
C LEU F 122 6.86 -19.71 -5.60
N LEU F 123 6.93 -21.03 -5.49
CA LEU F 123 7.56 -21.86 -6.52
C LEU F 123 6.43 -22.54 -7.25
N VAL F 124 6.48 -22.49 -8.59
CA VAL F 124 5.49 -23.09 -9.41
C VAL F 124 6.18 -24.00 -10.44
N PHE F 125 5.71 -25.24 -10.51
CA PHE F 125 6.15 -26.18 -11.58
C PHE F 125 5.05 -26.20 -12.61
N ALA F 126 5.41 -26.39 -13.90
CA ALA F 126 4.38 -26.34 -14.95
C ALA F 126 4.73 -27.47 -15.96
N SER F 127 3.70 -28.08 -16.50
CA SER F 127 3.83 -29.32 -17.37
C SER F 127 4.21 -28.96 -18.82
N HIS F 128 3.94 -27.76 -19.25
CA HIS F 128 4.15 -27.25 -20.63
C HIS F 128 5.15 -26.11 -20.70
N TYR F 129 5.80 -25.98 -21.87
CA TYR F 129 6.67 -24.84 -22.14
C TYR F 129 5.83 -23.59 -22.16
N TYR F 130 6.48 -22.46 -21.83
CA TYR F 130 5.77 -21.15 -21.69
C TYR F 130 5.02 -20.88 -23.00
N ASP F 131 3.74 -20.54 -22.89
CA ASP F 131 2.90 -20.32 -24.07
C ASP F 131 1.84 -19.31 -23.65
N SER F 132 2.05 -18.06 -24.08
CA SER F 132 1.14 -16.96 -23.73
C SER F 132 -0.27 -17.27 -24.24
N ASP F 133 -0.42 -17.99 -25.35
CA ASP F 133 -1.77 -18.23 -25.85
C ASP F 133 -2.53 -19.34 -25.10
N ASP F 134 -1.87 -20.00 -24.16
CA ASP F 134 -2.57 -21.02 -23.37
C ASP F 134 -3.30 -20.34 -22.23
N TYR F 135 -3.00 -19.06 -21.96
CA TYR F 135 -3.62 -18.39 -20.84
C TYR F 135 -5.06 -18.01 -21.18
N ILE F 136 -5.94 -18.08 -20.20
CA ILE F 136 -7.25 -17.47 -20.25
C ILE F 136 -7.19 -16.43 -19.13
N ARG F 137 -7.31 -15.16 -19.52
CA ARG F 137 -7.02 -14.07 -18.60
C ARG F 137 -8.26 -13.34 -18.10
N ASP F 138 -9.44 -13.76 -18.56
CA ASP F 138 -10.71 -13.13 -18.29
C ASP F 138 -11.67 -14.18 -17.75
N TYR F 139 -12.21 -13.94 -16.54
CA TYR F 139 -13.08 -14.93 -15.88
C TYR F 139 -14.32 -15.22 -16.67
N SER F 140 -14.87 -14.20 -17.34
CA SER F 140 -16.08 -14.48 -18.11
C SER F 140 -15.78 -15.45 -19.29
N THR F 141 -14.64 -15.22 -19.90
CA THR F 141 -14.17 -16.15 -20.98
C THR F 141 -13.94 -17.57 -20.47
N PHE F 142 -13.34 -17.67 -19.28
CA PHE F 142 -13.21 -18.97 -18.62
C PHE F 142 -14.54 -19.67 -18.44
N LYS F 143 -15.54 -18.96 -17.90
CA LYS F 143 -16.83 -19.57 -17.62
C LYS F 143 -17.52 -20.19 -18.88
N GLN F 144 -17.38 -19.47 -19.99
CA GLN F 144 -17.77 -19.99 -21.31
C GLN F 144 -17.07 -21.32 -21.61
N MET F 145 -15.75 -21.23 -21.71
CA MET F 145 -14.88 -22.32 -22.18
C MET F 145 -14.91 -23.57 -21.32
N ARG F 146 -15.17 -23.39 -20.03
CA ARG F 146 -15.48 -24.49 -19.13
C ARG F 146 -16.97 -24.74 -19.24
#